data_3VA7
#
_entry.id   3VA7
#
_cell.length_a   126.660
_cell.length_b   126.660
_cell.length_c   217.870
_cell.angle_alpha   90.00
_cell.angle_beta   90.00
_cell.angle_gamma   90.00
#
_symmetry.space_group_name_H-M   'P 43 21 2'
#
loop_
_entity.id
_entity.type
_entity.pdbx_description
1 polymer KLLA0E08119p
2 non-polymer 5-(HEXAHYDRO-2-OXO-1H-THIENO[3,4-D]IMIDAZOL-6-YL)PENTANAL
3 non-polymer UREA
4 non-polymer GLYCEROL
5 non-polymer 'SODIUM ION'
6 water water
#
_entity_poly.entity_id   1
_entity_poly.type   'polypeptide(L)'
_entity_poly.pdbx_seq_one_letter_code
;MGSSHHHHHHSSGLVPRGSHMASEAQKKKPFETVLIANRGEIAVRIMKTLKRMGIKSVAVYSDPDKYSQHVTDADFSVAL
HGRTAAETYLDIDKIINAAKKTGAQAIIPGYGFLSENADFSDRCSQENIVFVGPSGDAIRKLGLKHSAREIAERAKVPLV
PGSGLIKDAKEAKEVAKKLEYPVMVKSTAGGGGIGLQKVDSEDDIERVFETVQHQGKSYFGDAGVFMERFVNNARHVEIQ
MMGDGFGKAIAIGERDCSLQRRNQKVIEETPAPNLPEATRAKMRAASERLGSLLKYKCAGTVEFIYDEQRDEFYFLEVNA
RLQVEHPITEMVTGLDLVEWMLRIAANDSPDFDNTKIEVSGASIEARLYAENPVKDFRPSPGQLTSVSFPSWARVDTWVK
KGTNVSAEYDPTLAKIIVHGKDRNDAIMKLNQALNETAVYGCITNIDYLRSIASSKMFKEAKVATKVLDSFDYKPCAFEV
LAPGANTSVQDYPGRTGYWRIGVPPSGPMDSYSFRLANRVVGNNSKSPALEITLNGPKLLFHTETVIAVSGGTVSCTLND
AQIAQNEPIEVKRGDILSVGKVTVGCRAYLSIRGGIDVPEYLGSRSTFAMGNMGGYNGRILKLGDVLFLNQPELSVSSLP
APDFEPQAAPKSLLPTLSTNKDWKIGVTCGPHGSIDLFKEEYIEQFFNDKWKVHYNSNRFGVRLIGPKPKWARSDGGEAG
LHPSNAHDYVYSLGAINFTGDEPVIITCDGPSLGGFVCQAVVAEAELWKVGQLTPGDTIQFVPLSYGVARQLKESQDKSI
DNFEEGSLLELSDDKILPKYENPILAVLPKKSDLSPKVTYRQAGDRYILVEYGELEFDLNICYRINRLIHQVERHQTVGI
VEMSQGVRSVLIEFDGSKINQKALLKCLIAYESEIQFDKNWNVKSKIFKLPMAFEDSKTLDCVTRYRETIRSEAPWLPNN
VDFIADVNDIDRNDVKNMLYSAKFMVLGLGDVFLGSPCAVPLDPRHRYLGTKYNPSRTYTARGVVGIGGMYMCIYNAEGS
PGGYQLVGRTITAWDKLVIGDHPIDHPWLLTPFDQVEFYPVTEEELEVIIEDNDNGKFKIDVEESIFDHKEYLAWINENI
DSIVAFQEAQGGEKADEFARLIQVANAELKKSGDDKPQDVEEYPDDAELLYSEYTGRFWKPVAAVGDHVEAGDGVIIIEA
MKTEMVVGATKSGKVYKILHKNGDMVEAGDLVAVIV
;
_entity_poly.pdbx_strand_id   A
#
# COMPACT_ATOMS: atom_id res chain seq x y z
N LYS A 28 -28.27 -37.91 16.82
CA LYS A 28 -27.44 -37.75 15.59
C LYS A 28 -26.61 -36.43 15.62
N LYS A 29 -26.35 -35.90 16.81
CA LYS A 29 -25.27 -34.93 16.96
C LYS A 29 -24.12 -35.56 17.78
N PRO A 30 -23.00 -35.90 17.10
CA PRO A 30 -21.89 -36.61 17.76
C PRO A 30 -21.35 -35.94 19.01
N PHE A 31 -21.24 -34.62 18.97
CA PHE A 31 -20.62 -33.80 20.00
C PHE A 31 -21.28 -32.42 19.97
N GLU A 32 -21.25 -31.73 21.11
CA GLU A 32 -21.97 -30.51 21.29
C GLU A 32 -21.02 -29.35 20.98
N THR A 33 -19.85 -29.36 21.61
CA THR A 33 -18.82 -28.40 21.28
C THR A 33 -17.53 -29.21 20.97
N VAL A 34 -16.77 -28.79 19.96
CA VAL A 34 -15.55 -29.47 19.49
C VAL A 34 -14.42 -28.44 19.35
N LEU A 35 -13.22 -28.71 19.89
CA LEU A 35 -12.08 -27.78 19.71
C LEU A 35 -11.17 -28.20 18.55
N ILE A 36 -10.63 -27.24 17.79
CA ILE A 36 -9.72 -27.56 16.68
C ILE A 36 -8.32 -27.26 17.10
N ALA A 37 -7.52 -28.30 17.25
CA ALA A 37 -6.11 -28.16 17.60
C ALA A 37 -5.29 -27.79 16.36
N ASN A 38 -5.73 -26.71 15.70
CA ASN A 38 -5.06 -26.30 14.48
C ASN A 38 -5.38 -24.87 14.09
N ARG A 39 -4.75 -24.45 12.98
CA ARG A 39 -4.78 -23.09 12.45
C ARG A 39 -5.07 -23.11 10.96
N GLY A 40 -4.93 -21.97 10.31
CA GLY A 40 -5.02 -21.92 8.86
C GLY A 40 -6.26 -22.50 8.24
N GLU A 41 -6.03 -23.18 7.14
CA GLU A 41 -7.01 -23.58 6.15
C GLU A 41 -7.77 -24.80 6.62
N ILE A 42 -7.06 -25.75 7.20
CA ILE A 42 -7.75 -26.87 7.81
C ILE A 42 -8.70 -26.45 8.95
N ALA A 43 -8.29 -25.47 9.75
CA ALA A 43 -9.18 -25.06 10.81
C ALA A 43 -10.48 -24.51 10.19
N VAL A 44 -10.34 -23.62 9.19
CA VAL A 44 -11.47 -23.04 8.55
C VAL A 44 -12.34 -24.13 7.92
N ARG A 45 -11.73 -25.15 7.31
CA ARG A 45 -12.54 -26.15 6.66
C ARG A 45 -13.27 -27.06 7.68
N ILE A 46 -12.65 -27.37 8.81
CA ILE A 46 -13.27 -28.24 9.81
C ILE A 46 -14.44 -27.47 10.34
N MET A 47 -14.23 -26.18 10.57
CA MET A 47 -15.36 -25.35 11.07
C MET A 47 -16.59 -25.23 10.16
N LYS A 48 -16.42 -25.33 8.84
CA LYS A 48 -17.61 -25.24 7.98
C LYS A 48 -18.48 -26.45 8.25
N THR A 49 -17.84 -27.60 8.43
CA THR A 49 -18.58 -28.80 8.61
C THR A 49 -19.23 -28.67 9.97
N LEU A 50 -18.45 -28.23 10.95
CA LEU A 50 -19.00 -28.17 12.29
C LEU A 50 -20.23 -27.30 12.27
N LYS A 51 -20.08 -26.07 11.76
CA LYS A 51 -21.22 -25.20 11.58
C LYS A 51 -22.40 -25.94 10.94
N ARG A 52 -22.21 -26.54 9.77
CA ARG A 52 -23.34 -27.18 9.08
C ARG A 52 -23.98 -28.23 9.97
N MET A 53 -23.18 -28.86 10.87
CA MET A 53 -23.70 -29.88 11.75
C MET A 53 -24.32 -29.32 13.03
N GLY A 54 -24.24 -28.01 13.26
CA GLY A 54 -24.88 -27.42 14.43
C GLY A 54 -24.09 -27.69 15.69
N ILE A 55 -22.80 -27.99 15.51
CA ILE A 55 -21.83 -28.24 16.55
C ILE A 55 -20.98 -27.00 16.86
N LYS A 56 -20.90 -26.63 18.13
CA LYS A 56 -20.22 -25.42 18.48
C LYS A 56 -18.75 -25.68 18.32
N SER A 57 -18.01 -24.72 17.79
CA SER A 57 -16.61 -24.87 17.54
C SER A 57 -15.76 -23.93 18.39
N VAL A 58 -14.56 -24.42 18.66
CA VAL A 58 -13.60 -23.67 19.42
C VAL A 58 -12.27 -23.54 18.67
N ALA A 59 -11.87 -22.29 18.44
CA ALA A 59 -10.56 -21.95 17.90
C ALA A 59 -9.49 -21.94 18.99
N VAL A 60 -8.23 -22.13 18.58
CA VAL A 60 -7.07 -21.77 19.36
C VAL A 60 -6.07 -21.02 18.47
N TYR A 61 -5.39 -20.00 19.00
CA TYR A 61 -4.48 -19.26 18.18
C TYR A 61 -3.24 -18.80 18.90
N SER A 62 -2.13 -18.77 18.16
CA SER A 62 -0.92 -18.08 18.58
C SER A 62 -1.14 -16.58 18.51
N ASP A 63 -0.09 -15.81 18.77
CA ASP A 63 -0.23 -14.37 18.66
C ASP A 63 -0.25 -13.81 17.24
N PRO A 64 0.63 -14.30 16.34
CA PRO A 64 0.44 -13.81 14.96
C PRO A 64 -0.92 -14.22 14.34
N ASP A 65 -1.56 -15.29 14.85
CA ASP A 65 -2.87 -15.71 14.30
C ASP A 65 -4.07 -15.05 14.93
N LYS A 66 -3.88 -14.13 15.85
CA LYS A 66 -5.03 -13.61 16.54
C LYS A 66 -6.08 -12.98 15.60
N TYR A 67 -5.65 -12.66 14.38
CA TYR A 67 -6.56 -12.07 13.42
C TYR A 67 -6.99 -13.04 12.29
N SER A 68 -6.76 -14.34 12.45
CA SER A 68 -7.04 -15.20 11.33
C SER A 68 -8.51 -15.69 11.20
N GLN A 69 -8.92 -15.96 9.95
CA GLN A 69 -10.25 -16.46 9.60
C GLN A 69 -10.78 -17.45 10.63
N HIS A 70 -9.93 -18.41 11.02
CA HIS A 70 -10.41 -19.50 11.83
C HIS A 70 -10.81 -19.03 13.23
N VAL A 71 -10.19 -17.93 13.69
CA VAL A 71 -10.52 -17.30 14.95
C VAL A 71 -11.87 -16.58 14.83
N THR A 72 -12.04 -15.78 13.78
CA THR A 72 -13.34 -15.20 13.42
C THR A 72 -14.49 -16.23 13.25
N ASP A 73 -14.27 -17.28 12.45
CA ASP A 73 -15.33 -18.26 12.09
C ASP A 73 -15.85 -19.02 13.32
N ALA A 74 -15.00 -19.21 14.34
CA ALA A 74 -15.37 -20.08 15.45
C ALA A 74 -16.43 -19.45 16.35
N ASP A 75 -17.15 -20.27 17.10
CA ASP A 75 -18.08 -19.76 18.09
C ASP A 75 -17.33 -19.27 19.32
N PHE A 76 -16.25 -19.95 19.69
CA PHE A 76 -15.43 -19.51 20.82
C PHE A 76 -13.95 -19.64 20.44
N SER A 77 -13.08 -19.04 21.25
CA SER A 77 -11.66 -19.06 20.97
C SER A 77 -10.81 -18.86 22.22
N VAL A 78 -9.59 -19.37 22.20
CA VAL A 78 -8.73 -19.31 23.35
C VAL A 78 -7.42 -18.90 22.77
N ALA A 79 -6.94 -17.77 23.26
CA ALA A 79 -5.61 -17.32 22.99
C ALA A 79 -4.65 -18.26 23.74
N LEU A 80 -3.75 -18.87 22.99
CA LEU A 80 -2.57 -19.50 23.59
C LEU A 80 -1.63 -18.33 23.52
N HIS A 81 -0.66 -18.21 24.40
CA HIS A 81 0.13 -17.00 24.25
C HIS A 81 1.52 -17.29 23.71
N GLY A 82 1.95 -16.54 22.70
CA GLY A 82 3.26 -16.77 22.13
C GLY A 82 3.24 -16.76 20.64
N ARG A 83 4.40 -17.03 20.05
CA ARG A 83 4.59 -16.88 18.61
C ARG A 83 4.89 -18.22 17.94
N THR A 84 5.82 -19.01 18.48
CA THR A 84 6.31 -20.14 17.72
C THR A 84 5.36 -21.34 17.74
N ALA A 85 5.51 -22.21 16.75
CA ALA A 85 4.83 -23.50 16.78
C ALA A 85 4.98 -24.20 18.14
N ALA A 86 6.18 -24.18 18.72
CA ALA A 86 6.41 -24.91 19.98
C ALA A 86 5.75 -24.22 21.18
N GLU A 87 5.75 -22.90 21.15
CA GLU A 87 5.18 -22.05 22.22
C GLU A 87 3.66 -22.18 22.37
N THR A 88 3.01 -22.61 21.27
CA THR A 88 1.54 -22.55 21.13
C THR A 88 0.85 -23.84 20.62
N TYR A 89 0.73 -23.99 19.31
CA TYR A 89 0.00 -25.14 18.75
C TYR A 89 0.47 -26.53 19.25
N LEU A 90 1.77 -26.64 19.56
CA LEU A 90 2.42 -27.90 19.96
C LEU A 90 2.41 -28.18 21.46
N ASP A 91 1.97 -27.21 22.25
CA ASP A 91 2.04 -27.30 23.71
C ASP A 91 0.79 -27.97 24.17
N ILE A 92 0.91 -29.27 24.41
CA ILE A 92 -0.23 -30.09 24.82
C ILE A 92 -0.96 -29.49 26.02
N ASP A 93 -0.20 -28.87 26.92
CA ASP A 93 -0.78 -28.48 28.19
C ASP A 93 -1.82 -27.40 27.98
N LYS A 94 -1.38 -26.41 27.20
CA LYS A 94 -2.19 -25.29 26.77
C LYS A 94 -3.45 -25.76 26.05
N ILE A 95 -3.29 -26.64 25.05
CA ILE A 95 -4.41 -27.20 24.23
C ILE A 95 -5.48 -27.82 25.10
N ILE A 96 -5.04 -28.71 25.97
CA ILE A 96 -5.95 -29.48 26.79
C ILE A 96 -6.67 -28.57 27.80
N ASN A 97 -5.92 -27.58 28.32
CA ASN A 97 -6.50 -26.51 29.15
C ASN A 97 -7.52 -25.67 28.35
N ALA A 98 -7.16 -25.38 27.09
CA ALA A 98 -8.10 -24.71 26.20
C ALA A 98 -9.43 -25.47 26.04
N ALA A 99 -9.39 -26.81 25.91
CA ALA A 99 -10.62 -27.61 25.72
C ALA A 99 -11.39 -27.72 27.01
N LYS A 100 -10.64 -27.77 28.12
CA LYS A 100 -11.21 -27.75 29.46
C LYS A 100 -12.04 -26.49 29.67
N LYS A 101 -11.34 -25.35 29.54
CA LYS A 101 -11.83 -24.00 29.73
C LYS A 101 -13.12 -23.67 28.93
N THR A 102 -13.30 -24.35 27.79
CA THR A 102 -14.45 -24.07 26.90
C THR A 102 -15.49 -25.17 26.93
N GLY A 103 -15.26 -26.15 27.81
CA GLY A 103 -16.04 -27.41 27.85
C GLY A 103 -16.18 -28.15 26.53
N ALA A 104 -15.08 -28.34 25.79
CA ALA A 104 -15.14 -29.13 24.51
C ALA A 104 -15.17 -30.62 24.78
N GLN A 105 -16.15 -31.34 24.27
CA GLN A 105 -16.09 -32.78 24.51
C GLN A 105 -15.06 -33.52 23.69
N ALA A 106 -14.60 -32.90 22.59
CA ALA A 106 -13.67 -33.54 21.63
C ALA A 106 -12.67 -32.55 21.06
N ILE A 107 -11.53 -33.08 20.65
CA ILE A 107 -10.52 -32.31 19.93
C ILE A 107 -10.24 -32.95 18.58
N ILE A 108 -10.31 -32.14 17.53
CA ILE A 108 -10.00 -32.64 16.23
C ILE A 108 -8.76 -31.87 15.85
N PRO A 109 -7.71 -32.62 15.42
CA PRO A 109 -6.35 -32.09 15.31
C PRO A 109 -5.94 -31.56 13.95
N GLY A 110 -6.66 -31.92 12.89
CA GLY A 110 -6.20 -31.60 11.54
C GLY A 110 -5.07 -32.55 11.12
N TYR A 111 -4.09 -31.94 10.46
CA TYR A 111 -2.79 -32.52 10.08
C TYR A 111 -1.67 -31.53 10.37
N GLY A 112 -0.44 -32.05 10.57
CA GLY A 112 0.63 -31.27 11.20
C GLY A 112 0.40 -31.30 12.69
N PHE A 113 1.22 -30.54 13.42
CA PHE A 113 1.03 -30.30 14.88
C PHE A 113 0.80 -31.56 15.68
N LEU A 114 -0.17 -31.55 16.58
CA LEU A 114 -0.30 -32.67 17.49
C LEU A 114 -1.01 -33.87 16.83
N SER A 115 -1.14 -33.80 15.51
CA SER A 115 -1.99 -34.68 14.75
C SER A 115 -1.62 -36.16 14.90
N GLU A 116 -0.37 -36.50 14.61
CA GLU A 116 0.19 -37.82 14.77
C GLU A 116 1.08 -38.00 15.99
N ASN A 117 0.76 -37.28 17.05
CA ASN A 117 1.45 -37.32 18.33
C ASN A 117 0.66 -38.13 19.35
N ALA A 118 1.19 -39.29 19.70
CA ALA A 118 0.47 -40.27 20.49
C ALA A 118 0.41 -39.94 21.97
N ASP A 119 1.39 -39.21 22.50
CA ASP A 119 1.25 -38.76 23.91
C ASP A 119 -0.03 -37.93 23.97
N PHE A 120 -0.14 -36.99 23.02
CA PHE A 120 -1.33 -36.18 22.87
C PHE A 120 -2.61 -37.00 22.71
N SER A 121 -2.63 -37.97 21.80
CA SER A 121 -3.86 -38.77 21.73
C SER A 121 -4.21 -39.38 23.09
N ASP A 122 -3.18 -39.88 23.79
CA ASP A 122 -3.29 -40.49 25.12
C ASP A 122 -3.70 -39.48 26.24
N ARG A 123 -3.09 -38.29 26.26
CA ARG A 123 -3.54 -37.17 27.14
C ARG A 123 -5.04 -36.88 27.00
N CYS A 124 -5.54 -36.81 25.75
CA CYS A 124 -6.98 -36.62 25.54
C CYS A 124 -7.72 -37.71 26.23
N SER A 125 -7.34 -38.95 25.95
CA SER A 125 -8.04 -40.08 26.56
C SER A 125 -8.02 -40.01 28.09
N GLN A 126 -6.83 -39.80 28.65
CA GLN A 126 -6.64 -39.82 30.13
C GLN A 126 -7.27 -38.53 30.79
N GLU A 127 -7.90 -37.70 29.95
CA GLU A 127 -8.51 -36.45 30.38
C GLU A 127 -10.04 -36.39 30.14
N ASN A 128 -10.62 -37.47 29.60
CA ASN A 128 -12.05 -37.48 29.21
C ASN A 128 -12.41 -36.44 28.08
N ILE A 129 -11.43 -36.17 27.20
CA ILE A 129 -11.68 -35.48 25.94
C ILE A 129 -11.46 -36.45 24.78
N VAL A 130 -12.47 -36.62 23.93
CA VAL A 130 -12.38 -37.52 22.77
C VAL A 130 -11.54 -36.91 21.63
N PHE A 131 -10.31 -37.38 21.45
CA PHE A 131 -9.41 -37.16 20.28
C PHE A 131 -10.01 -37.70 18.99
N VAL A 132 -10.34 -36.83 18.03
CA VAL A 132 -10.95 -37.29 16.78
C VAL A 132 -9.79 -37.76 15.93
N GLY A 133 -9.41 -39.01 16.07
CA GLY A 133 -8.24 -39.56 15.42
C GLY A 133 -8.04 -40.94 15.97
N PRO A 134 -6.99 -41.65 15.47
CA PRO A 134 -6.71 -43.00 16.00
C PRO A 134 -6.02 -42.99 17.37
N SER A 135 -6.01 -44.17 18.00
CA SER A 135 -5.40 -44.37 19.36
C SER A 135 -3.92 -44.04 19.42
N GLY A 136 -3.42 -43.69 20.60
CA GLY A 136 -1.99 -43.39 20.77
C GLY A 136 -1.08 -44.54 20.35
N ASP A 137 -1.63 -45.75 20.49
CA ASP A 137 -0.96 -46.96 20.16
C ASP A 137 -0.77 -47.14 18.69
N ALA A 138 -1.89 -47.14 17.97
CA ALA A 138 -1.89 -47.14 16.52
C ALA A 138 -0.88 -46.09 15.97
N ILE A 139 -0.91 -44.88 16.50
CA ILE A 139 0.06 -43.83 16.11
C ILE A 139 1.55 -44.20 16.40
N ARG A 140 1.84 -44.74 17.59
CA ARG A 140 3.17 -45.32 17.91
C ARG A 140 3.56 -46.44 16.96
N LYS A 141 2.68 -47.42 16.84
CA LYS A 141 2.82 -48.54 15.88
C LYS A 141 3.03 -48.07 14.43
N LEU A 142 2.49 -46.91 14.05
CA LEU A 142 2.72 -46.40 12.69
C LEU A 142 3.85 -45.37 12.55
N GLY A 143 4.31 -44.79 13.66
CA GLY A 143 5.39 -43.77 13.65
C GLY A 143 6.79 -44.30 13.32
N LEU A 144 7.10 -45.53 13.74
CA LEU A 144 8.44 -46.12 13.54
C LEU A 144 8.46 -46.90 12.24
N LYS A 145 9.44 -46.61 11.38
CA LYS A 145 9.48 -47.15 10.01
C LYS A 145 9.36 -48.70 9.90
N HIS A 146 9.74 -49.37 10.99
CA HIS A 146 9.89 -50.83 11.01
C HIS A 146 8.71 -51.57 11.70
N SER A 147 8.12 -50.99 12.75
CA SER A 147 6.86 -51.54 13.32
C SER A 147 5.77 -51.46 12.25
N ALA A 148 5.78 -50.36 11.47
CA ALA A 148 4.84 -50.15 10.37
C ALA A 148 5.01 -51.21 9.30
N ARG A 149 6.25 -51.63 9.07
CA ARG A 149 6.49 -52.68 8.07
C ARG A 149 5.90 -54.06 8.48
N GLU A 150 6.04 -54.44 9.76
CA GLU A 150 5.48 -55.72 10.24
C GLU A 150 3.97 -55.83 10.05
N ILE A 151 3.24 -54.82 10.56
CA ILE A 151 1.77 -54.72 10.42
C ILE A 151 1.38 -54.88 8.97
N ALA A 152 2.07 -54.15 8.11
CA ALA A 152 1.86 -54.25 6.67
C ALA A 152 2.02 -55.69 6.16
N GLU A 153 3.12 -56.32 6.55
CA GLU A 153 3.40 -57.72 6.23
C GLU A 153 2.24 -58.64 6.66
N ARG A 154 2.01 -58.66 7.97
CA ARG A 154 0.88 -59.37 8.59
C ARG A 154 -0.44 -59.06 7.90
N ALA A 155 -0.59 -57.84 7.40
CA ALA A 155 -1.80 -57.46 6.66
C ALA A 155 -1.85 -57.90 5.19
N LYS A 156 -0.75 -58.48 4.71
CA LYS A 156 -0.64 -59.04 3.36
C LYS A 156 -0.65 -57.91 2.35
N VAL A 157 0.25 -56.96 2.58
CA VAL A 157 0.37 -55.75 1.79
C VAL A 157 1.72 -55.83 1.09
N PRO A 158 1.72 -55.88 -0.26
CA PRO A 158 3.02 -56.09 -0.92
C PRO A 158 4.03 -55.00 -0.56
N LEU A 159 5.20 -55.40 -0.06
CA LEU A 159 6.25 -54.41 0.24
C LEU A 159 7.42 -54.45 -0.77
N VAL A 160 8.26 -53.40 -0.74
CA VAL A 160 9.50 -53.31 -1.54
C VAL A 160 10.46 -54.42 -1.11
N PRO A 161 10.74 -55.40 -2.00
CA PRO A 161 11.57 -56.55 -1.58
C PRO A 161 13.07 -56.23 -1.62
N ASN A 233 10.98 -45.43 -12.31
CA ASN A 233 10.40 -44.06 -12.30
C ASN A 233 9.04 -43.94 -11.58
N ALA A 234 9.16 -43.66 -10.30
CA ALA A 234 8.15 -44.03 -9.31
C ALA A 234 7.01 -43.05 -9.13
N ARG A 235 5.79 -43.58 -9.10
CA ARG A 235 4.58 -42.81 -8.74
C ARG A 235 4.22 -42.92 -7.25
N HIS A 236 3.31 -42.07 -6.80
CA HIS A 236 2.85 -42.07 -5.40
C HIS A 236 1.33 -42.21 -5.41
N VAL A 237 0.82 -43.43 -5.17
CA VAL A 237 -0.61 -43.64 -5.19
C VAL A 237 -0.98 -43.95 -3.78
N GLU A 238 -1.95 -43.24 -3.22
CA GLU A 238 -2.30 -43.48 -1.86
C GLU A 238 -3.77 -43.82 -1.78
N ILE A 239 -4.14 -44.54 -0.74
CA ILE A 239 -5.53 -44.91 -0.53
C ILE A 239 -6.05 -44.19 0.68
N GLN A 240 -7.18 -43.54 0.52
CA GLN A 240 -7.84 -42.91 1.67
C GLN A 240 -8.72 -43.94 2.30
N MET A 241 -8.51 -44.20 3.58
CA MET A 241 -9.26 -45.23 4.24
C MET A 241 -9.96 -44.68 5.48
N MET A 242 -11.07 -45.29 5.82
CA MET A 242 -11.78 -44.96 7.04
C MET A 242 -11.89 -46.24 7.92
N GLY A 243 -11.63 -46.10 9.22
CA GLY A 243 -11.76 -47.21 10.17
C GLY A 243 -12.70 -46.86 11.31
N ASP A 244 -13.42 -47.83 11.84
CA ASP A 244 -14.41 -47.46 12.85
C ASP A 244 -13.90 -47.68 14.27
N GLY A 245 -12.66 -48.14 14.36
CA GLY A 245 -12.05 -48.30 15.66
C GLY A 245 -12.41 -49.63 16.29
N PHE A 246 -13.03 -50.51 15.52
CA PHE A 246 -13.57 -51.75 16.06
C PHE A 246 -13.37 -52.80 15.07
N GLY A 247 -12.40 -52.64 14.20
CA GLY A 247 -12.09 -53.72 13.26
C GLY A 247 -12.61 -53.58 11.84
N LYS A 248 -13.61 -52.71 11.65
CA LYS A 248 -14.12 -52.40 10.29
C LYS A 248 -13.31 -51.29 9.63
N ALA A 249 -13.03 -51.47 8.34
CA ALA A 249 -12.26 -50.48 7.60
C ALA A 249 -12.80 -50.40 6.18
N ILE A 250 -12.71 -49.23 5.55
CA ILE A 250 -13.27 -49.06 4.19
C ILE A 250 -12.37 -48.19 3.31
N ALA A 251 -12.17 -48.58 2.04
CA ALA A 251 -11.26 -47.81 1.18
C ALA A 251 -12.15 -46.87 0.38
N ILE A 252 -11.85 -45.58 0.49
CA ILE A 252 -12.76 -44.58 -0.01
C ILE A 252 -12.38 -44.22 -1.44
N GLY A 253 -11.09 -44.35 -1.78
CA GLY A 253 -10.57 -44.09 -3.11
C GLY A 253 -9.06 -43.91 -3.09
N GLU A 254 -8.47 -43.69 -4.25
CA GLU A 254 -7.03 -43.47 -4.34
C GLU A 254 -6.71 -42.15 -4.99
N ARG A 255 -5.56 -41.62 -4.64
CA ARG A 255 -5.14 -40.34 -5.13
C ARG A 255 -3.74 -40.56 -5.57
N ASP A 256 -3.37 -39.88 -6.66
CA ASP A 256 -2.02 -39.79 -7.11
C ASP A 256 -1.39 -38.45 -6.64
N CYS A 257 -0.22 -38.54 -6.03
CA CYS A 257 0.44 -37.42 -5.40
C CYS A 257 1.87 -37.39 -5.86
N SER A 258 2.07 -37.84 -7.08
CA SER A 258 3.39 -37.86 -7.72
C SER A 258 4.04 -36.48 -7.90
N LEU A 259 3.26 -35.42 -8.14
CA LEU A 259 3.87 -34.12 -8.48
C LEU A 259 4.41 -33.41 -7.25
N GLN A 260 5.60 -33.84 -6.84
CA GLN A 260 6.26 -33.38 -5.62
C GLN A 260 7.60 -32.70 -5.98
N ARG A 261 7.96 -31.68 -5.22
CA ARG A 261 9.20 -30.98 -5.43
C ARG A 261 10.04 -31.18 -4.19
N ARG A 262 11.24 -31.76 -4.36
CA ARG A 262 12.09 -32.14 -3.23
C ARG A 262 11.19 -32.74 -2.17
N ASN A 263 10.29 -33.62 -2.64
CA ASN A 263 9.36 -34.33 -1.78
C ASN A 263 8.14 -33.54 -1.18
N GLN A 264 7.89 -32.31 -1.63
CA GLN A 264 6.78 -31.57 -1.06
C GLN A 264 5.65 -31.47 -2.09
N LYS A 265 4.48 -32.01 -1.76
CA LYS A 265 3.43 -32.16 -2.75
C LYS A 265 2.94 -30.79 -3.23
N VAL A 266 2.63 -30.66 -4.54
CA VAL A 266 2.10 -29.38 -5.07
C VAL A 266 0.80 -29.58 -5.84
N ILE A 267 0.70 -30.67 -6.59
CA ILE A 267 -0.55 -31.03 -7.25
C ILE A 267 -0.94 -32.49 -7.03
N GLU A 268 -2.21 -32.70 -6.71
CA GLU A 268 -2.75 -34.05 -6.55
C GLU A 268 -4.00 -34.25 -7.37
N GLU A 269 -4.30 -35.50 -7.67
CA GLU A 269 -5.46 -35.87 -8.49
C GLU A 269 -6.10 -37.26 -8.15
N THR A 270 -7.34 -37.41 -8.57
CA THR A 270 -8.10 -38.62 -8.38
C THR A 270 -9.10 -38.68 -9.55
N PRO A 271 -9.35 -39.91 -10.05
CA PRO A 271 -8.66 -41.19 -9.77
C PRO A 271 -7.24 -41.12 -10.22
N ALA A 272 -6.40 -42.03 -9.76
CA ALA A 272 -5.06 -42.12 -10.30
C ALA A 272 -5.15 -42.38 -11.83
N PRO A 273 -4.34 -41.65 -12.62
CA PRO A 273 -4.32 -41.97 -14.04
C PRO A 273 -3.54 -43.28 -14.28
N ASN A 274 -3.84 -43.98 -15.39
CA ASN A 274 -3.05 -45.14 -15.88
C ASN A 274 -2.82 -46.19 -14.83
N LEU A 275 -3.94 -46.59 -14.22
CA LEU A 275 -3.93 -47.62 -13.21
C LEU A 275 -5.11 -48.53 -13.48
N PRO A 276 -4.81 -49.81 -13.71
CA PRO A 276 -5.87 -50.80 -13.97
C PRO A 276 -6.60 -51.21 -12.70
N GLU A 277 -7.91 -51.37 -12.83
CA GLU A 277 -8.77 -51.98 -11.80
C GLU A 277 -8.16 -53.18 -11.02
N ALA A 278 -7.61 -54.18 -11.71
CA ALA A 278 -6.94 -55.29 -11.02
C ALA A 278 -6.04 -54.77 -9.88
N THR A 279 -5.27 -53.72 -10.17
CA THR A 279 -4.30 -53.24 -9.21
C THR A 279 -4.89 -52.17 -8.23
N ARG A 280 -5.87 -51.38 -8.68
CA ARG A 280 -6.65 -50.51 -7.78
C ARG A 280 -7.46 -51.28 -6.75
N ALA A 281 -8.24 -52.27 -7.20
CA ALA A 281 -9.07 -53.08 -6.27
C ALA A 281 -8.22 -53.80 -5.22
N LYS A 282 -6.96 -54.06 -5.56
CA LYS A 282 -6.08 -54.73 -4.63
C LYS A 282 -5.24 -53.77 -3.77
N MET A 283 -5.27 -52.50 -4.13
CA MET A 283 -4.73 -51.48 -3.26
C MET A 283 -5.78 -51.22 -2.18
N ARG A 284 -7.03 -51.15 -2.63
CA ARG A 284 -8.14 -50.99 -1.73
C ARG A 284 -8.14 -52.10 -0.70
N ALA A 285 -8.27 -53.36 -1.13
CA ALA A 285 -8.41 -54.46 -0.19
C ALA A 285 -7.23 -54.57 0.78
N ALA A 286 -6.03 -54.22 0.33
CA ALA A 286 -4.84 -54.32 1.20
C ALA A 286 -4.91 -53.26 2.29
N SER A 287 -5.38 -52.08 1.89
CA SER A 287 -5.59 -50.97 2.80
C SER A 287 -6.66 -51.30 3.85
N GLU A 288 -7.71 -51.98 3.46
CA GLU A 288 -8.74 -52.35 4.42
C GLU A 288 -8.21 -53.41 5.40
N ARG A 289 -7.27 -54.25 4.96
CA ARG A 289 -6.75 -55.30 5.85
C ARG A 289 -5.90 -54.65 6.89
N LEU A 290 -5.12 -53.70 6.42
CA LEU A 290 -4.22 -52.97 7.29
C LEU A 290 -5.03 -52.22 8.30
N GLY A 291 -6.10 -51.58 7.85
CA GLY A 291 -6.90 -50.79 8.74
C GLY A 291 -7.67 -51.63 9.73
N SER A 292 -8.21 -52.75 9.24
CA SER A 292 -8.90 -53.74 10.07
C SER A 292 -8.01 -54.36 11.17
N LEU A 293 -6.85 -54.86 10.76
CA LEU A 293 -5.91 -55.43 11.66
C LEU A 293 -5.64 -54.49 12.82
N LEU A 294 -5.38 -53.20 12.53
CA LEU A 294 -5.15 -52.24 13.62
C LEU A 294 -6.39 -51.91 14.50
N LYS A 295 -7.59 -52.31 14.06
CA LYS A 295 -8.82 -51.74 14.62
C LYS A 295 -8.65 -50.20 14.47
N TYR A 296 -8.20 -49.81 13.27
CA TYR A 296 -7.99 -48.39 13.04
C TYR A 296 -9.27 -47.53 13.22
N LYS A 297 -9.09 -46.37 13.86
CA LYS A 297 -10.13 -45.39 14.11
C LYS A 297 -9.96 -44.02 13.40
N CYS A 298 -11.05 -43.63 12.69
CA CYS A 298 -11.20 -42.40 11.91
C CYS A 298 -10.46 -42.50 10.59
N ALA A 299 -9.71 -41.47 10.20
CA ALA A 299 -9.20 -41.40 8.83
C ALA A 299 -7.71 -41.67 8.77
N GLY A 300 -7.31 -42.51 7.83
CA GLY A 300 -5.91 -42.68 7.63
C GLY A 300 -5.64 -42.94 6.16
N THR A 301 -4.38 -42.74 5.77
CA THR A 301 -3.96 -42.98 4.41
C THR A 301 -2.82 -43.95 4.30
N VAL A 302 -3.00 -44.87 3.36
CA VAL A 302 -2.00 -45.83 3.09
C VAL A 302 -1.35 -45.41 1.81
N GLU A 303 -0.11 -44.96 1.91
CA GLU A 303 0.67 -44.60 0.73
C GLU A 303 1.42 -45.81 0.15
N PHE A 304 1.40 -45.89 -1.17
CA PHE A 304 2.18 -46.86 -1.91
C PHE A 304 3.07 -46.18 -2.99
N ILE A 305 4.19 -46.83 -3.30
CA ILE A 305 4.98 -46.58 -4.50
C ILE A 305 4.37 -47.42 -5.61
N TYR A 306 4.33 -46.88 -6.83
CA TYR A 306 3.74 -47.60 -7.98
C TYR A 306 4.62 -47.58 -9.24
N ASP A 307 5.01 -48.77 -9.71
CA ASP A 307 5.71 -48.91 -10.98
C ASP A 307 4.66 -49.10 -12.06
N GLU A 308 4.43 -48.02 -12.80
CA GLU A 308 3.40 -47.96 -13.85
C GLU A 308 3.61 -49.04 -14.91
N GLN A 309 4.88 -49.16 -15.32
CA GLN A 309 5.33 -50.11 -16.33
C GLN A 309 5.17 -51.57 -15.84
N ARG A 310 5.82 -51.89 -14.71
CA ARG A 310 5.73 -53.23 -14.13
C ARG A 310 4.32 -53.63 -13.65
N ASP A 311 3.42 -52.64 -13.58
CA ASP A 311 2.08 -52.73 -12.94
C ASP A 311 2.09 -53.23 -11.49
N GLU A 312 3.05 -52.76 -10.70
CA GLU A 312 3.24 -53.19 -9.29
C GLU A 312 3.20 -52.03 -8.30
N PHE A 313 2.70 -52.28 -7.07
CA PHE A 313 2.73 -51.26 -5.98
C PHE A 313 3.37 -51.76 -4.69
N TYR A 314 3.95 -50.88 -3.90
CA TYR A 314 4.63 -51.32 -2.68
C TYR A 314 4.41 -50.37 -1.50
N PHE A 315 4.04 -50.94 -0.35
CA PHE A 315 3.84 -50.19 0.89
C PHE A 315 4.93 -49.15 1.07
N LEU A 316 4.53 -47.95 1.45
CA LEU A 316 5.46 -46.89 1.75
C LEU A 316 5.24 -46.50 3.22
N GLU A 317 4.02 -46.11 3.60
CA GLU A 317 3.70 -45.66 5.01
C GLU A 317 2.22 -45.43 5.19
N VAL A 318 1.78 -45.42 6.45
CA VAL A 318 0.45 -44.96 6.77
C VAL A 318 0.56 -43.59 7.43
N ASN A 319 -0.19 -42.61 6.93
CA ASN A 319 -0.40 -41.36 7.67
C ASN A 319 -1.61 -41.54 8.56
N ALA A 320 -1.39 -41.39 9.87
CA ALA A 320 -2.38 -41.73 10.87
C ALA A 320 -3.23 -40.50 11.20
N ARG A 321 -3.85 -39.93 10.16
CA ARG A 321 -4.50 -38.64 10.25
C ARG A 321 -5.18 -38.33 8.97
N LEU A 322 -5.98 -37.28 8.95
CA LEU A 322 -6.48 -36.75 7.69
C LEU A 322 -5.31 -36.10 6.92
N GLN A 323 -5.47 -35.94 5.63
CA GLN A 323 -4.39 -35.35 4.82
C GLN A 323 -4.81 -34.08 4.07
N VAL A 324 -3.84 -33.19 3.82
CA VAL A 324 -4.05 -31.96 3.07
C VAL A 324 -4.89 -32.18 1.78
N GLU A 325 -4.54 -33.17 0.95
CA GLU A 325 -5.25 -33.44 -0.32
C GLU A 325 -6.63 -34.07 -0.23
N HIS A 326 -7.15 -34.27 0.97
CA HIS A 326 -8.42 -34.99 1.15
C HIS A 326 -9.59 -34.41 0.34
N PRO A 327 -9.58 -33.10 0.04
CA PRO A 327 -10.75 -32.62 -0.72
C PRO A 327 -10.97 -33.19 -2.10
N ILE A 328 -9.95 -33.71 -2.79
CA ILE A 328 -10.27 -34.25 -4.13
C ILE A 328 -11.17 -35.50 -4.04
N THR A 329 -10.85 -36.33 -3.04
CA THR A 329 -11.66 -37.49 -2.66
C THR A 329 -13.12 -37.08 -2.38
N GLU A 330 -13.27 -35.97 -1.65
CA GLU A 330 -14.62 -35.46 -1.33
C GLU A 330 -15.41 -35.01 -2.60
N MET A 331 -14.69 -34.61 -3.64
CA MET A 331 -15.36 -34.09 -4.78
C MET A 331 -15.92 -35.30 -5.47
N VAL A 332 -15.08 -36.33 -5.65
CA VAL A 332 -15.55 -37.46 -6.47
C VAL A 332 -16.57 -38.42 -5.80
N THR A 333 -16.74 -38.32 -4.48
CA THR A 333 -17.62 -39.23 -3.73
C THR A 333 -18.83 -38.49 -3.10
N GLY A 334 -18.67 -37.19 -2.87
CA GLY A 334 -19.68 -36.34 -2.25
C GLY A 334 -19.68 -36.54 -0.74
N LEU A 335 -18.64 -37.18 -0.21
CA LEU A 335 -18.56 -37.40 1.24
C LEU A 335 -17.90 -36.25 1.93
N ASP A 336 -18.36 -35.92 3.11
CA ASP A 336 -17.65 -34.99 3.91
C ASP A 336 -16.86 -35.85 4.91
N LEU A 337 -15.56 -35.99 4.66
CA LEU A 337 -14.65 -36.80 5.49
C LEU A 337 -14.54 -36.35 6.97
N VAL A 338 -14.38 -35.05 7.22
CA VAL A 338 -14.51 -34.51 8.59
C VAL A 338 -15.81 -34.95 9.27
N GLU A 339 -16.92 -34.95 8.55
CA GLU A 339 -18.21 -35.34 9.19
C GLU A 339 -18.10 -36.79 9.67
N TRP A 340 -17.68 -37.68 8.74
CA TRP A 340 -17.38 -39.05 9.03
C TRP A 340 -16.46 -39.21 10.24
N MET A 341 -15.31 -38.56 10.23
CA MET A 341 -14.43 -38.63 11.36
C MET A 341 -15.22 -38.31 12.65
N LEU A 342 -15.97 -37.23 12.64
CA LEU A 342 -16.63 -36.85 13.87
C LEU A 342 -17.58 -37.96 14.33
N ARG A 343 -18.35 -38.52 13.39
CA ARG A 343 -19.38 -39.44 13.73
C ARG A 343 -18.74 -40.70 14.23
N ILE A 344 -17.62 -41.12 13.60
CA ILE A 344 -16.94 -42.32 14.00
C ILE A 344 -16.35 -42.17 15.38
N ALA A 345 -15.78 -41.00 15.66
CA ALA A 345 -15.07 -40.73 16.90
C ALA A 345 -16.01 -40.73 18.06
N ALA A 346 -17.31 -40.62 17.80
CA ALA A 346 -18.31 -40.55 18.85
C ALA A 346 -19.15 -41.86 18.85
N ASN A 347 -18.63 -42.88 18.16
CA ASN A 347 -19.16 -44.27 18.11
C ASN A 347 -20.52 -44.32 17.52
N ASP A 348 -20.77 -43.44 16.59
CA ASP A 348 -22.03 -43.40 15.88
C ASP A 348 -21.58 -43.50 14.43
N SER A 349 -20.77 -44.53 14.18
CA SER A 349 -20.22 -44.75 12.85
C SER A 349 -21.31 -45.06 11.77
N PRO A 350 -21.08 -44.57 10.55
CA PRO A 350 -21.86 -45.08 9.39
C PRO A 350 -21.75 -46.58 9.38
N ASP A 351 -22.80 -47.27 9.00
CA ASP A 351 -22.70 -48.73 8.93
C ASP A 351 -21.88 -49.20 7.68
N PHE A 352 -20.61 -49.58 7.91
CA PHE A 352 -19.61 -49.79 6.81
C PHE A 352 -19.98 -50.87 5.75
N ASP A 353 -20.56 -51.99 6.19
CA ASP A 353 -20.83 -53.12 5.29
C ASP A 353 -21.94 -52.76 4.30
N ASN A 354 -22.65 -51.69 4.62
CA ASN A 354 -23.79 -51.25 3.85
C ASN A 354 -23.59 -49.88 3.21
N THR A 355 -22.34 -49.46 3.15
CA THR A 355 -22.01 -48.16 2.61
C THR A 355 -21.48 -48.38 1.18
N LYS A 356 -22.21 -47.86 0.20
CA LYS A 356 -21.85 -47.96 -1.21
C LYS A 356 -21.16 -46.65 -1.62
N ILE A 357 -19.86 -46.71 -1.91
CA ILE A 357 -19.19 -45.51 -2.38
C ILE A 357 -19.14 -45.40 -3.91
N GLU A 358 -19.73 -44.34 -4.47
CA GLU A 358 -19.62 -44.05 -5.90
C GLU A 358 -18.71 -42.89 -6.28
N VAL A 359 -17.71 -43.21 -7.08
CA VAL A 359 -16.79 -42.23 -7.58
C VAL A 359 -17.29 -41.73 -8.90
N SER A 360 -17.23 -40.41 -9.06
CA SER A 360 -18.02 -39.73 -10.05
C SER A 360 -17.17 -38.60 -10.55
N GLY A 361 -16.69 -38.77 -11.79
CA GLY A 361 -15.82 -37.81 -12.45
C GLY A 361 -14.38 -37.88 -12.00
N ALA A 362 -13.66 -36.77 -12.15
CA ALA A 362 -12.26 -36.68 -11.72
C ALA A 362 -12.04 -35.32 -11.10
N SER A 363 -11.05 -35.22 -10.21
CA SER A 363 -10.90 -34.02 -9.45
C SER A 363 -9.45 -33.78 -9.17
N ILE A 364 -9.06 -32.51 -9.22
CA ILE A 364 -7.68 -32.13 -8.98
C ILE A 364 -7.49 -30.86 -8.15
N GLU A 365 -6.37 -30.83 -7.43
CA GLU A 365 -6.09 -29.84 -6.41
C GLU A 365 -4.71 -29.25 -6.68
N ALA A 366 -4.59 -27.92 -6.56
CA ALA A 366 -3.30 -27.25 -6.65
C ALA A 366 -3.10 -26.49 -5.35
N ARG A 367 -1.87 -26.48 -4.86
CA ARG A 367 -1.63 -25.84 -3.58
C ARG A 367 -0.98 -24.47 -3.77
N LEU A 368 -1.75 -23.41 -3.53
CA LEU A 368 -1.21 -22.05 -3.57
C LEU A 368 -0.44 -21.73 -2.32
N TYR A 369 0.86 -21.52 -2.48
CA TYR A 369 1.80 -21.14 -1.42
C TYR A 369 2.30 -19.69 -1.55
N ALA A 370 2.48 -19.00 -0.42
CA ALA A 370 3.21 -17.74 -0.36
C ALA A 370 4.70 -18.06 -0.43
N GLU A 371 5.19 -18.24 -1.64
CA GLU A 371 6.58 -18.65 -1.89
C GLU A 371 7.06 -18.04 -3.19
N ASN A 372 8.39 -17.96 -3.32
CA ASN A 372 8.99 -17.52 -4.57
C ASN A 372 9.65 -18.63 -5.41
N PRO A 373 8.97 -19.10 -6.46
CA PRO A 373 9.62 -20.14 -7.30
C PRO A 373 10.96 -19.74 -7.97
N VAL A 374 11.16 -18.43 -8.19
CA VAL A 374 12.37 -17.91 -8.85
C VAL A 374 13.57 -17.84 -7.90
N LYS A 375 13.31 -17.62 -6.61
CA LYS A 375 14.38 -17.67 -5.61
C LYS A 375 14.23 -18.86 -4.65
N ASP A 376 14.18 -20.08 -5.19
CA ASP A 376 14.33 -21.28 -4.34
C ASP A 376 13.14 -21.60 -3.41
N PHE A 377 11.95 -21.12 -3.78
CA PHE A 377 10.74 -21.39 -2.98
C PHE A 377 10.90 -20.89 -1.54
N ARG A 378 11.54 -19.72 -1.45
CA ARG A 378 11.73 -18.97 -0.24
C ARG A 378 10.39 -18.32 0.16
N PRO A 379 9.99 -18.51 1.42
CA PRO A 379 8.70 -18.03 1.90
C PRO A 379 8.60 -16.52 1.72
N SER A 380 7.41 -16.05 1.38
CA SER A 380 7.22 -14.68 1.05
C SER A 380 6.12 -14.09 1.93
N PRO A 381 6.50 -13.52 3.09
CA PRO A 381 5.53 -12.91 4.00
C PRO A 381 5.01 -11.55 3.50
N GLY A 382 3.90 -11.07 4.07
CA GLY A 382 3.31 -9.77 3.78
C GLY A 382 1.78 -9.64 3.78
N GLN A 383 1.27 -8.42 3.61
CA GLN A 383 -0.18 -8.20 3.55
C GLN A 383 -0.78 -8.42 2.18
N LEU A 384 -1.81 -9.25 2.11
CA LEU A 384 -2.52 -9.45 0.88
C LEU A 384 -3.37 -8.23 0.60
N THR A 385 -3.37 -7.82 -0.65
CA THR A 385 -3.79 -6.51 -1.05
C THR A 385 -5.03 -6.62 -1.92
N SER A 386 -5.19 -7.80 -2.47
CA SER A 386 -6.31 -8.09 -3.30
C SER A 386 -6.32 -9.61 -3.41
N VAL A 387 -7.48 -10.20 -3.24
CA VAL A 387 -7.57 -11.66 -3.20
C VAL A 387 -8.81 -12.04 -3.98
N SER A 388 -8.63 -12.64 -5.14
CA SER A 388 -9.77 -13.16 -5.87
C SER A 388 -9.69 -14.64 -6.27
N PHE A 389 -10.77 -15.38 -6.03
CA PHE A 389 -10.82 -16.83 -6.41
C PHE A 389 -12.03 -17.18 -7.32
N PRO A 390 -11.83 -18.15 -8.24
CA PRO A 390 -13.00 -18.59 -8.97
C PRO A 390 -14.02 -19.09 -7.98
N SER A 391 -15.22 -18.52 -8.00
CA SER A 391 -16.26 -18.93 -7.05
C SER A 391 -16.89 -20.28 -7.37
N TRP A 392 -16.59 -20.82 -8.57
CA TRP A 392 -17.25 -22.07 -9.07
C TRP A 392 -16.40 -23.28 -8.74
N ALA A 393 -15.11 -23.07 -8.47
CA ALA A 393 -14.28 -24.14 -7.89
C ALA A 393 -14.53 -24.21 -6.37
N ARG A 394 -14.04 -25.27 -5.74
CA ARG A 394 -13.97 -25.32 -4.29
C ARG A 394 -12.60 -24.78 -3.94
N VAL A 395 -12.55 -23.79 -3.06
CA VAL A 395 -11.24 -23.31 -2.59
C VAL A 395 -11.18 -23.34 -1.09
N ASP A 396 -10.25 -24.10 -0.56
CA ASP A 396 -10.13 -24.16 0.87
C ASP A 396 -9.01 -23.18 1.17
N THR A 397 -9.35 -22.15 1.90
CA THR A 397 -8.39 -21.14 2.18
C THR A 397 -8.69 -20.56 3.56
N TRP A 398 -7.88 -19.59 3.96
CA TRP A 398 -8.08 -18.89 5.21
C TRP A 398 -7.71 -17.44 5.01
N VAL A 399 -7.63 -16.99 3.75
CA VAL A 399 -7.17 -15.64 3.46
C VAL A 399 -8.16 -14.82 2.61
N LYS A 400 -8.06 -13.50 2.73
CA LYS A 400 -8.82 -12.55 1.91
C LYS A 400 -8.02 -11.24 1.84
N LYS A 401 -8.54 -10.26 1.10
CA LYS A 401 -7.98 -8.91 1.03
C LYS A 401 -7.75 -8.57 2.50
N GLY A 402 -6.53 -8.18 2.85
CA GLY A 402 -6.32 -7.73 4.20
C GLY A 402 -5.44 -8.61 5.05
N THR A 403 -5.55 -9.91 4.89
CA THR A 403 -4.77 -10.86 5.62
C THR A 403 -3.28 -10.63 5.58
N ASN A 404 -2.65 -10.69 6.75
CA ASN A 404 -1.18 -10.69 6.90
C ASN A 404 -0.63 -12.08 6.92
N VAL A 405 0.15 -12.41 5.93
CA VAL A 405 0.68 -13.74 5.81
C VAL A 405 2.08 -13.75 6.37
N SER A 406 2.32 -14.55 7.42
CA SER A 406 3.64 -14.59 8.04
C SER A 406 4.51 -15.78 7.59
N ALA A 407 5.79 -15.73 7.96
CA ALA A 407 6.77 -16.75 7.53
C ALA A 407 6.88 -17.86 8.60
N GLU A 408 6.18 -17.63 9.72
CA GLU A 408 6.26 -18.50 10.88
C GLU A 408 5.91 -19.98 10.58
N TYR A 409 4.71 -20.25 10.12
CA TYR A 409 4.24 -21.62 10.25
C TYR A 409 4.42 -22.52 9.05
N ASP A 410 4.08 -22.00 7.88
CA ASP A 410 3.81 -22.83 6.71
C ASP A 410 3.15 -21.88 5.78
N PRO A 411 3.62 -21.81 4.53
CA PRO A 411 3.13 -20.73 3.69
C PRO A 411 1.87 -21.07 2.83
N THR A 412 1.07 -22.04 3.25
CA THR A 412 -0.16 -22.31 2.50
C THR A 412 -1.15 -21.12 2.47
N LEU A 413 -1.61 -20.79 1.28
CA LEU A 413 -2.57 -19.73 1.13
C LEU A 413 -3.95 -20.30 0.92
N ALA A 414 -4.02 -21.31 0.06
CA ALA A 414 -5.27 -21.73 -0.49
C ALA A 414 -5.06 -23.04 -1.19
N LYS A 415 -6.11 -23.83 -1.28
CA LYS A 415 -6.06 -25.05 -2.03
C LYS A 415 -7.21 -24.88 -3.01
N ILE A 416 -6.87 -25.01 -4.28
CA ILE A 416 -7.78 -24.76 -5.37
C ILE A 416 -8.18 -26.09 -5.96
N ILE A 417 -9.46 -26.41 -5.79
CA ILE A 417 -10.01 -27.72 -6.13
C ILE A 417 -11.17 -27.71 -7.19
N VAL A 418 -10.94 -28.50 -8.22
CA VAL A 418 -11.76 -28.53 -9.40
C VAL A 418 -12.33 -29.97 -9.65
N HIS A 419 -13.55 -30.07 -10.16
CA HIS A 419 -14.29 -31.36 -10.31
C HIS A 419 -14.77 -31.41 -11.72
N GLY A 420 -14.21 -32.32 -12.51
CA GLY A 420 -14.62 -32.46 -13.90
C GLY A 420 -15.18 -33.84 -14.21
N LYS A 421 -15.76 -33.95 -15.40
CA LYS A 421 -16.37 -35.18 -15.90
C LYS A 421 -15.37 -36.29 -16.02
N ASP A 422 -14.10 -35.94 -16.28
CA ASP A 422 -13.01 -36.90 -16.43
C ASP A 422 -11.65 -36.17 -16.42
N ARG A 423 -10.55 -36.91 -16.41
CA ARG A 423 -9.24 -36.26 -16.30
C ARG A 423 -9.07 -34.99 -17.18
N ASN A 424 -9.41 -35.10 -18.47
CA ASN A 424 -9.22 -33.97 -19.41
C ASN A 424 -10.09 -32.79 -19.04
N ASP A 425 -11.34 -33.05 -18.66
CA ASP A 425 -12.24 -31.95 -18.27
C ASP A 425 -11.70 -31.20 -17.03
N ALA A 426 -11.04 -31.97 -16.16
CA ALA A 426 -10.55 -31.50 -14.87
C ALA A 426 -9.29 -30.70 -15.06
N ILE A 427 -8.46 -31.14 -16.02
CA ILE A 427 -7.22 -30.44 -16.30
C ILE A 427 -7.50 -29.05 -16.90
N MET A 428 -8.52 -28.99 -17.76
CA MET A 428 -8.92 -27.74 -18.34
C MET A 428 -9.52 -26.90 -17.23
N LYS A 429 -10.38 -27.49 -16.41
CA LYS A 429 -10.98 -26.72 -15.33
C LYS A 429 -9.95 -26.12 -14.43
N LEU A 430 -8.84 -26.84 -14.27
CA LEU A 430 -7.89 -26.45 -13.28
C LEU A 430 -7.11 -25.27 -13.83
N ASN A 431 -6.79 -25.36 -15.13
CA ASN A 431 -6.12 -24.25 -15.80
C ASN A 431 -7.02 -23.01 -15.70
N GLN A 432 -8.32 -23.12 -16.00
CA GLN A 432 -9.16 -21.94 -15.90
C GLN A 432 -9.10 -21.41 -14.46
N ALA A 433 -9.31 -22.27 -13.46
CA ALA A 433 -9.26 -21.85 -12.04
C ALA A 433 -7.97 -21.07 -11.68
N LEU A 434 -6.84 -21.64 -12.05
CA LEU A 434 -5.56 -21.00 -11.82
C LEU A 434 -5.46 -19.61 -12.46
N ASN A 435 -6.04 -19.47 -13.67
CA ASN A 435 -6.06 -18.23 -14.46
C ASN A 435 -6.91 -17.18 -13.78
N GLU A 436 -7.83 -17.64 -12.97
CA GLU A 436 -8.90 -16.82 -12.48
C GLU A 436 -8.56 -16.49 -11.02
N THR A 437 -7.41 -16.98 -10.58
CA THR A 437 -6.93 -16.78 -9.21
C THR A 437 -6.00 -15.58 -9.19
N ALA A 438 -6.49 -14.51 -8.57
CA ALA A 438 -5.69 -13.32 -8.41
C ALA A 438 -5.41 -13.00 -6.93
N VAL A 439 -4.17 -13.25 -6.50
CA VAL A 439 -3.72 -12.97 -5.15
C VAL A 439 -2.42 -12.11 -5.14
N TYR A 440 -2.48 -10.94 -4.49
CA TYR A 440 -1.42 -9.95 -4.61
C TYR A 440 -1.06 -9.38 -3.24
N GLY A 441 0.23 -9.06 -3.02
CA GLY A 441 0.70 -8.62 -1.70
C GLY A 441 1.84 -9.46 -1.13
N CYS A 442 1.87 -10.71 -1.58
CA CYS A 442 2.93 -11.67 -1.34
C CYS A 442 3.30 -12.23 -2.68
N ILE A 443 4.51 -12.72 -2.80
CA ILE A 443 4.86 -13.55 -3.91
C ILE A 443 4.18 -14.94 -3.70
N THR A 444 3.61 -15.47 -4.79
CA THR A 444 2.92 -16.75 -4.78
C THR A 444 3.57 -17.67 -5.77
N ASN A 445 3.06 -18.89 -5.84
CA ASN A 445 3.59 -19.86 -6.76
C ASN A 445 2.59 -20.03 -7.89
N ILE A 446 1.76 -19.03 -8.11
CA ILE A 446 0.64 -19.21 -9.02
C ILE A 446 1.13 -19.47 -10.44
N ASP A 447 2.12 -18.69 -10.84
CA ASP A 447 2.66 -18.76 -12.17
C ASP A 447 3.34 -20.10 -12.36
N TYR A 448 4.14 -20.52 -11.40
CA TYR A 448 4.70 -21.87 -11.38
C TYR A 448 3.61 -22.98 -11.51
N LEU A 449 2.56 -22.85 -10.72
CA LEU A 449 1.40 -23.73 -10.82
C LEU A 449 0.82 -23.75 -12.22
N ARG A 450 0.70 -22.57 -12.83
CA ARG A 450 0.01 -22.40 -14.13
C ARG A 450 0.72 -23.16 -15.24
N SER A 451 2.02 -22.92 -15.26
CA SER A 451 2.97 -23.60 -16.10
C SER A 451 2.89 -25.14 -15.95
N ILE A 452 2.89 -25.64 -14.70
CA ILE A 452 2.71 -27.10 -14.49
C ILE A 452 1.36 -27.60 -14.97
N ALA A 453 0.28 -27.08 -14.40
CA ALA A 453 -1.10 -27.39 -14.87
C ALA A 453 -1.23 -27.34 -16.39
N SER A 454 -0.33 -26.60 -17.03
CA SER A 454 -0.39 -26.37 -18.49
C SER A 454 0.46 -27.26 -19.33
N SER A 455 1.42 -27.92 -18.68
CA SER A 455 2.47 -28.64 -19.37
C SER A 455 1.93 -29.78 -20.22
N LYS A 456 2.74 -30.19 -21.21
CA LYS A 456 2.43 -31.35 -22.03
C LYS A 456 2.55 -32.55 -21.08
N MET A 457 3.63 -32.54 -20.27
CA MET A 457 3.82 -33.53 -19.22
C MET A 457 2.54 -33.82 -18.48
N PHE A 458 2.04 -32.86 -17.72
CA PHE A 458 0.89 -33.14 -16.91
C PHE A 458 -0.23 -33.71 -17.73
N LYS A 459 -0.46 -33.20 -18.93
CA LYS A 459 -1.61 -33.66 -19.72
C LYS A 459 -1.44 -35.09 -20.20
N GLU A 460 -0.23 -35.44 -20.61
CA GLU A 460 -0.02 -36.79 -21.13
C GLU A 460 0.08 -37.79 -19.97
N ALA A 461 0.10 -37.23 -18.75
CA ALA A 461 0.12 -37.98 -17.51
C ALA A 461 1.49 -38.59 -17.28
N LYS A 462 2.51 -38.07 -17.94
CA LYS A 462 3.86 -38.57 -17.68
C LYS A 462 4.42 -38.01 -16.36
N VAL A 463 3.68 -38.27 -15.29
CA VAL A 463 3.96 -37.80 -13.91
C VAL A 463 4.76 -38.82 -13.08
N ALA A 464 5.73 -38.36 -12.34
CA ALA A 464 6.45 -39.24 -11.42
C ALA A 464 6.99 -38.43 -10.26
N THR A 465 7.21 -39.08 -9.12
CA THR A 465 7.73 -38.44 -7.92
C THR A 465 8.99 -37.59 -8.22
N LYS A 466 9.48 -37.73 -9.45
CA LYS A 466 10.77 -37.16 -9.81
C LYS A 466 10.65 -35.90 -10.71
N VAL A 467 9.57 -35.84 -11.49
CA VAL A 467 9.36 -34.84 -12.54
C VAL A 467 9.63 -33.38 -12.16
N LEU A 468 8.91 -32.88 -11.15
CA LEU A 468 9.02 -31.50 -10.70
C LEU A 468 10.42 -31.12 -10.30
N ASP A 469 11.24 -32.10 -9.95
CA ASP A 469 12.64 -31.84 -9.60
C ASP A 469 13.56 -31.44 -10.78
N SER A 470 13.14 -31.79 -11.99
CA SER A 470 13.81 -31.37 -13.22
C SER A 470 12.80 -30.67 -14.17
N PHE A 471 11.97 -29.79 -13.61
CA PHE A 471 10.94 -29.16 -14.39
C PHE A 471 11.44 -27.81 -14.86
N ASP A 472 11.31 -27.60 -16.17
CA ASP A 472 11.80 -26.36 -16.77
C ASP A 472 10.80 -25.22 -16.49
N TYR A 473 11.10 -24.43 -15.45
CA TYR A 473 10.25 -23.28 -15.12
C TYR A 473 10.89 -21.95 -15.50
N LYS A 474 10.26 -21.29 -16.49
CA LYS A 474 10.65 -19.92 -16.91
C LYS A 474 9.55 -18.86 -16.81
N PRO A 475 9.68 -17.95 -15.83
CA PRO A 475 8.83 -16.77 -15.63
C PRO A 475 8.91 -15.80 -16.79
N CYS A 476 7.76 -15.46 -17.36
CA CYS A 476 7.74 -14.42 -18.37
C CYS A 476 7.84 -13.06 -17.64
N ALA A 477 9.08 -12.68 -17.30
CA ALA A 477 9.31 -11.70 -16.25
C ALA A 477 10.75 -11.17 -16.16
N PHE A 478 10.98 -10.09 -15.43
CA PHE A 478 12.39 -9.79 -15.13
C PHE A 478 12.71 -9.95 -13.65
N GLU A 479 13.96 -9.76 -13.25
CA GLU A 479 14.33 -9.99 -11.87
C GLU A 479 15.32 -8.94 -11.47
N VAL A 480 15.18 -8.41 -10.27
CA VAL A 480 15.98 -7.30 -9.85
C VAL A 480 17.30 -7.77 -9.20
N LEU A 481 18.38 -7.77 -9.97
CA LEU A 481 19.69 -8.09 -9.40
C LEU A 481 20.20 -7.01 -8.49
N ALA A 482 19.77 -5.75 -8.71
CA ALA A 482 20.09 -4.59 -7.85
C ALA A 482 18.98 -3.54 -8.07
N PRO A 483 18.58 -2.79 -7.01
CA PRO A 483 17.33 -1.98 -7.13
C PRO A 483 17.45 -0.59 -7.77
N GLY A 484 18.60 0.07 -7.62
CA GLY A 484 18.72 1.49 -7.94
C GLY A 484 18.22 2.24 -6.75
N ALA A 485 18.56 3.53 -6.65
CA ALA A 485 18.20 4.34 -5.50
C ALA A 485 16.68 4.51 -5.22
N ASN A 486 15.84 4.50 -6.28
CA ASN A 486 14.43 4.75 -6.14
C ASN A 486 13.65 4.41 -7.38
N THR A 487 13.52 3.12 -7.63
CA THR A 487 12.95 2.65 -8.86
C THR A 487 11.50 2.22 -8.64
N SER A 488 10.53 2.83 -9.36
CA SER A 488 9.11 2.56 -9.18
C SER A 488 8.36 2.33 -10.48
N VAL A 489 7.44 1.35 -10.47
CA VAL A 489 6.48 1.22 -11.53
C VAL A 489 5.60 2.44 -11.52
N GLN A 490 5.43 3.07 -12.68
CA GLN A 490 4.56 4.26 -12.81
C GLN A 490 3.76 4.14 -14.07
N ASP A 491 2.62 4.84 -14.17
CA ASP A 491 1.90 5.00 -15.44
C ASP A 491 1.34 6.39 -15.67
N TYR A 492 0.76 6.64 -16.84
CA TYR A 492 0.43 8.02 -17.24
C TYR A 492 -0.91 8.07 -17.90
N PRO A 493 -1.80 9.00 -17.47
CA PRO A 493 -1.59 10.16 -16.61
C PRO A 493 -1.45 9.88 -15.11
N GLY A 494 -1.65 8.64 -14.69
CA GLY A 494 -1.47 8.29 -13.26
C GLY A 494 -2.82 8.11 -12.58
N ARG A 495 -2.85 8.34 -11.27
CA ARG A 495 -4.03 8.04 -10.46
C ARG A 495 -4.86 9.27 -10.51
N THR A 496 -5.56 9.47 -11.61
CA THR A 496 -6.37 10.71 -11.72
C THR A 496 -7.76 10.38 -11.20
N GLY A 497 -8.53 11.42 -10.85
CA GLY A 497 -9.91 11.23 -10.48
C GLY A 497 -10.23 11.62 -9.05
N TYR A 498 -9.18 11.90 -8.26
CA TYR A 498 -9.30 11.93 -6.80
C TYR A 498 -8.53 13.02 -6.10
N TRP A 499 -8.13 14.07 -6.79
CA TRP A 499 -7.46 15.19 -6.13
C TRP A 499 -8.29 15.86 -5.01
N ARG A 500 -9.63 15.86 -5.12
CA ARG A 500 -10.53 16.46 -4.08
C ARG A 500 -10.44 15.71 -2.76
N ILE A 501 -9.97 14.46 -2.87
CA ILE A 501 -9.72 13.64 -1.73
C ILE A 501 -8.26 13.77 -1.25
N GLY A 502 -7.38 14.15 -2.15
CA GLY A 502 -5.98 14.22 -1.73
C GLY A 502 -5.28 12.94 -2.04
N VAL A 503 -5.72 12.28 -3.11
CA VAL A 503 -5.00 11.15 -3.68
C VAL A 503 -4.25 11.77 -4.83
N PRO A 504 -2.90 11.79 -4.80
CA PRO A 504 -2.21 12.44 -5.89
C PRO A 504 -2.19 11.52 -7.07
N PRO A 505 -1.88 12.08 -8.27
CA PRO A 505 -1.84 11.26 -9.45
C PRO A 505 -0.65 10.29 -9.41
N SER A 506 0.43 10.68 -8.78
CA SER A 506 1.66 9.89 -8.87
C SER A 506 2.06 9.81 -10.34
N GLY A 507 2.38 8.66 -10.88
CA GLY A 507 2.89 8.61 -12.22
C GLY A 507 4.26 9.24 -12.28
N PRO A 508 4.81 9.38 -13.51
CA PRO A 508 6.17 9.88 -13.67
C PRO A 508 6.24 11.34 -13.34
N MET A 509 7.34 11.67 -12.71
CA MET A 509 7.69 13.01 -12.36
C MET A 509 8.08 13.88 -13.57
N ASP A 510 8.62 13.26 -14.62
CA ASP A 510 8.90 13.94 -15.89
C ASP A 510 8.08 13.16 -16.86
N SER A 511 6.91 13.69 -17.19
CA SER A 511 5.98 12.91 -17.98
C SER A 511 6.32 12.80 -19.43
N TYR A 512 7.10 13.74 -19.96
CA TYR A 512 7.49 13.70 -21.41
C TYR A 512 8.42 12.53 -21.79
N SER A 513 9.55 12.44 -21.12
CA SER A 513 10.47 11.33 -21.28
C SER A 513 9.76 10.01 -21.05
N PHE A 514 8.83 9.98 -20.09
CA PHE A 514 8.16 8.73 -19.74
C PHE A 514 7.41 8.27 -20.99
N ARG A 515 6.71 9.20 -21.63
CA ARG A 515 5.84 8.85 -22.74
C ARG A 515 6.67 8.62 -23.99
N LEU A 516 7.77 9.32 -24.12
CA LEU A 516 8.71 8.98 -25.19
C LEU A 516 9.12 7.54 -25.01
N ALA A 517 9.60 7.20 -23.81
CA ALA A 517 10.14 5.87 -23.59
C ALA A 517 9.08 4.86 -23.99
N ASN A 518 7.85 5.07 -23.51
CA ASN A 518 6.79 4.17 -23.94
C ASN A 518 6.64 4.07 -25.45
N ARG A 519 6.54 5.21 -26.09
CA ARG A 519 6.33 5.26 -27.52
C ARG A 519 7.47 4.56 -28.30
N VAL A 520 8.70 4.71 -27.82
CA VAL A 520 9.82 4.22 -28.58
C VAL A 520 9.67 2.72 -28.78
N VAL A 521 8.95 2.08 -27.87
CA VAL A 521 8.80 0.65 -27.89
C VAL A 521 7.43 0.28 -28.45
N GLY A 522 6.61 1.28 -28.79
CA GLY A 522 5.31 0.99 -29.40
C GLY A 522 4.22 0.58 -28.40
N ASN A 523 4.43 0.89 -27.12
CA ASN A 523 3.40 0.67 -26.11
C ASN A 523 2.19 1.59 -26.32
N ASN A 524 0.96 1.06 -26.12
CA ASN A 524 -0.19 1.90 -25.72
C ASN A 524 0.21 2.89 -24.60
N SER A 525 -0.33 4.10 -24.58
CA SER A 525 0.21 5.09 -23.66
C SER A 525 -0.11 4.80 -22.17
N LYS A 526 -1.00 3.85 -21.92
CA LYS A 526 -1.36 3.41 -20.58
C LYS A 526 -0.43 2.32 -19.98
N SER A 527 0.63 1.95 -20.70
CA SER A 527 1.50 0.89 -20.26
C SER A 527 2.34 1.38 -19.09
N PRO A 528 2.57 0.50 -18.11
CA PRO A 528 3.45 0.97 -17.06
C PRO A 528 4.92 0.69 -17.38
N ALA A 529 5.79 1.51 -16.78
CA ALA A 529 7.20 1.59 -17.09
C ALA A 529 7.92 1.85 -15.78
N LEU A 530 9.26 1.84 -15.76
CA LEU A 530 9.97 2.19 -14.51
C LEU A 530 10.53 3.60 -14.52
N GLU A 531 10.28 4.33 -13.45
CA GLU A 531 10.94 5.58 -13.22
C GLU A 531 12.18 5.27 -12.44
N ILE A 532 13.32 5.63 -13.03
CA ILE A 532 14.62 5.58 -12.35
C ILE A 532 14.99 6.95 -11.84
N THR A 533 15.37 7.03 -10.57
CA THR A 533 15.79 8.27 -9.98
C THR A 533 17.24 8.18 -9.49
N LEU A 534 18.11 9.09 -9.96
CA LEU A 534 19.54 9.21 -9.55
C LEU A 534 20.50 8.07 -9.96
N ASN A 535 20.15 6.81 -9.76
CA ASN A 535 20.84 5.69 -10.42
C ASN A 535 19.94 4.46 -10.50
N GLY A 536 20.14 3.66 -11.53
CA GLY A 536 19.14 2.65 -11.85
C GLY A 536 19.46 1.27 -11.34
N PRO A 537 18.63 0.29 -11.67
CA PRO A 537 18.71 -1.12 -11.23
C PRO A 537 19.57 -1.93 -12.17
N LYS A 538 20.00 -3.13 -11.78
CA LYS A 538 20.44 -4.07 -12.81
C LYS A 538 19.41 -5.19 -12.84
N LEU A 539 18.95 -5.52 -14.03
CA LEU A 539 17.86 -6.46 -14.16
C LEU A 539 18.25 -7.68 -14.98
N LEU A 540 17.81 -8.85 -14.57
CA LEU A 540 17.99 -10.06 -15.33
C LEU A 540 16.68 -10.39 -16.05
N PHE A 541 16.75 -10.60 -17.34
CA PHE A 541 15.54 -10.88 -18.07
C PHE A 541 15.40 -12.38 -18.29
N HIS A 542 14.21 -12.90 -18.01
CA HIS A 542 13.99 -14.34 -18.03
C HIS A 542 13.25 -14.77 -19.25
N THR A 543 13.02 -13.77 -20.08
CA THR A 543 12.22 -13.95 -21.24
C THR A 543 12.68 -12.87 -22.25
N GLU A 544 12.07 -12.84 -23.43
CA GLU A 544 12.53 -11.88 -24.46
C GLU A 544 11.59 -10.72 -24.64
N THR A 545 12.14 -9.57 -25.00
CA THR A 545 11.31 -8.38 -25.19
C THR A 545 12.11 -7.25 -25.82
N VAL A 546 11.48 -6.09 -25.98
CA VAL A 546 12.12 -4.86 -26.39
C VAL A 546 12.11 -3.85 -25.21
N ILE A 547 13.11 -2.97 -25.13
CA ILE A 547 13.37 -2.08 -24.01
C ILE A 547 13.75 -0.72 -24.57
N ALA A 548 13.57 0.34 -23.80
CA ALA A 548 14.12 1.61 -24.21
C ALA A 548 14.33 2.40 -22.98
N VAL A 549 15.23 3.36 -23.03
CA VAL A 549 15.48 4.25 -21.88
C VAL A 549 15.45 5.68 -22.36
N SER A 550 14.81 6.55 -21.59
CA SER A 550 14.66 7.92 -22.03
C SER A 550 14.68 8.79 -20.80
N GLY A 551 15.03 10.06 -20.95
CA GLY A 551 15.09 10.94 -19.83
C GLY A 551 16.47 11.51 -19.68
N GLY A 552 16.99 11.49 -18.45
CA GLY A 552 18.35 11.99 -18.14
C GLY A 552 19.43 11.22 -18.88
N THR A 553 20.64 11.75 -18.85
CA THR A 553 21.80 11.00 -19.35
C THR A 553 22.25 9.97 -18.30
N VAL A 554 22.20 8.72 -18.71
CA VAL A 554 22.62 7.62 -17.86
C VAL A 554 23.31 6.64 -18.77
N SER A 555 24.46 6.14 -18.32
CA SER A 555 25.05 5.03 -19.08
C SER A 555 24.22 3.74 -18.90
N CYS A 556 23.96 3.06 -20.00
CA CYS A 556 23.15 1.86 -19.97
C CYS A 556 23.82 0.71 -20.70
N THR A 557 23.81 -0.42 -20.01
CA THR A 557 24.53 -1.62 -20.33
C THR A 557 23.58 -2.74 -20.71
N LEU A 558 23.87 -3.44 -21.80
CA LEU A 558 23.28 -4.76 -22.02
C LEU A 558 24.38 -5.81 -22.21
N ASN A 559 24.42 -6.74 -21.24
CA ASN A 559 25.49 -7.71 -21.11
C ASN A 559 26.82 -6.97 -21.31
N ASP A 560 26.89 -5.77 -20.74
CA ASP A 560 28.13 -4.98 -20.66
C ASP A 560 28.50 -4.07 -21.84
N ALA A 561 27.85 -4.26 -22.98
CA ALA A 561 28.00 -3.34 -24.10
C ALA A 561 27.05 -2.14 -23.92
N GLN A 562 27.60 -0.91 -23.91
CA GLN A 562 26.77 0.32 -23.98
C GLN A 562 25.63 0.21 -24.99
N ILE A 563 24.51 0.80 -24.62
CA ILE A 563 23.27 0.66 -25.36
C ILE A 563 22.80 2.12 -25.48
N ALA A 564 22.07 2.42 -26.55
CA ALA A 564 21.62 3.81 -26.82
C ALA A 564 20.28 4.15 -26.12
N GLN A 565 20.14 5.39 -25.69
CA GLN A 565 18.84 5.90 -25.23
C GLN A 565 17.93 6.19 -26.42
N ASN A 566 16.61 6.07 -26.24
CA ASN A 566 15.62 6.50 -27.24
C ASN A 566 15.49 5.60 -28.42
N GLU A 567 16.16 4.45 -28.36
CA GLU A 567 16.06 3.43 -29.42
C GLU A 567 15.46 2.15 -28.87
N PRO A 568 14.73 1.40 -29.70
CA PRO A 568 14.25 0.10 -29.23
C PRO A 568 15.37 -0.94 -29.16
N ILE A 569 15.82 -1.28 -27.96
CA ILE A 569 16.75 -2.39 -27.80
C ILE A 569 16.08 -3.73 -27.59
N GLU A 570 16.44 -4.71 -28.44
CA GLU A 570 16.00 -6.12 -28.35
C GLU A 570 16.76 -6.94 -27.27
N VAL A 571 16.05 -7.49 -26.30
CA VAL A 571 16.66 -8.16 -25.13
C VAL A 571 16.38 -9.65 -25.23
N LYS A 572 17.35 -10.46 -24.82
CA LYS A 572 17.28 -11.87 -25.18
C LYS A 572 16.69 -12.84 -24.13
N ARG A 573 17.17 -12.81 -22.90
CA ARG A 573 16.87 -13.92 -21.97
C ARG A 573 18.18 -14.45 -21.51
N GLY A 574 18.43 -14.29 -20.21
CA GLY A 574 19.78 -14.32 -19.70
C GLY A 574 20.42 -12.94 -19.84
N ASP A 575 19.75 -11.99 -20.49
CA ASP A 575 20.34 -10.66 -20.60
C ASP A 575 20.36 -9.88 -19.28
N ILE A 576 21.45 -9.21 -19.01
CA ILE A 576 21.45 -8.27 -17.94
C ILE A 576 21.51 -6.84 -18.48
N LEU A 577 20.40 -6.14 -18.28
CA LEU A 577 20.27 -4.69 -18.52
C LEU A 577 20.68 -4.01 -17.25
N SER A 578 21.47 -2.97 -17.37
CA SER A 578 21.87 -2.24 -16.18
C SER A 578 21.91 -0.75 -16.50
N VAL A 579 21.25 0.07 -15.69
CA VAL A 579 21.33 1.50 -15.87
C VAL A 579 21.92 2.20 -14.67
N GLY A 580 22.95 3.00 -14.93
CA GLY A 580 23.84 3.49 -13.91
C GLY A 580 23.41 4.79 -13.36
N LYS A 581 24.33 5.73 -13.26
CA LYS A 581 24.10 6.98 -12.56
C LYS A 581 23.56 7.96 -13.58
N VAL A 582 22.66 8.83 -13.15
CA VAL A 582 22.16 9.87 -14.00
C VAL A 582 23.11 11.10 -13.93
N THR A 583 23.79 11.39 -15.04
CA THR A 583 24.80 12.46 -15.12
C THR A 583 24.12 13.81 -15.34
N VAL A 584 23.07 13.82 -16.13
CA VAL A 584 22.47 15.09 -16.47
C VAL A 584 21.02 14.89 -16.20
N GLY A 585 20.44 15.75 -15.37
CA GLY A 585 19.06 15.56 -14.90
C GLY A 585 19.00 14.63 -13.70
N CYS A 586 17.78 14.30 -13.27
CA CYS A 586 17.53 13.46 -12.10
C CYS A 586 17.03 12.07 -12.43
N ARG A 587 16.28 11.93 -13.52
CA ARG A 587 15.43 10.76 -13.67
C ARG A 587 15.48 10.27 -15.09
N ALA A 588 15.33 8.94 -15.29
CA ALA A 588 15.17 8.33 -16.61
C ALA A 588 14.05 7.27 -16.54
N TYR A 589 13.67 6.68 -17.69
CA TYR A 589 12.49 5.80 -17.77
C TYR A 589 12.79 4.63 -18.57
N LEU A 590 12.47 3.47 -18.02
CA LEU A 590 12.79 2.24 -18.70
C LEU A 590 11.54 1.54 -19.11
N SER A 591 11.25 1.52 -20.40
CA SER A 591 10.01 0.91 -20.87
C SER A 591 10.24 -0.49 -21.41
N ILE A 592 9.21 -1.31 -21.43
CA ILE A 592 9.33 -2.70 -21.82
C ILE A 592 8.14 -2.87 -22.70
N ARG A 593 8.31 -3.41 -23.92
CA ARG A 593 7.18 -3.62 -24.81
C ARG A 593 6.10 -4.46 -24.09
N GLY A 594 4.85 -3.98 -24.11
CA GLY A 594 3.75 -4.67 -23.46
C GLY A 594 3.49 -4.22 -22.02
N GLY A 595 4.44 -3.51 -21.41
CA GLY A 595 4.24 -2.92 -20.11
C GLY A 595 4.53 -3.89 -19.00
N ILE A 596 4.53 -3.43 -17.75
CA ILE A 596 4.80 -4.30 -16.60
C ILE A 596 3.50 -4.71 -15.91
N ASP A 597 3.44 -5.96 -15.42
CA ASP A 597 2.16 -6.55 -14.95
C ASP A 597 1.96 -6.52 -13.45
N VAL A 598 1.18 -5.53 -13.06
CA VAL A 598 1.00 -5.19 -11.67
C VAL A 598 -0.46 -4.79 -11.51
N PRO A 599 -1.08 -5.14 -10.39
CA PRO A 599 -2.53 -4.79 -10.28
C PRO A 599 -2.80 -3.27 -10.18
N GLU A 600 -3.94 -2.82 -10.70
CA GLU A 600 -4.36 -1.45 -10.50
C GLU A 600 -4.83 -1.22 -9.07
N TYR A 601 -4.70 0.03 -8.60
CA TYR A 601 -5.35 0.48 -7.39
C TYR A 601 -5.93 1.85 -7.75
N LEU A 602 -7.22 2.02 -7.47
CA LEU A 602 -7.91 3.26 -7.83
C LEU A 602 -7.68 3.76 -9.28
N GLY A 603 -7.66 2.83 -10.23
CA GLY A 603 -7.65 3.17 -11.63
C GLY A 603 -6.29 3.14 -12.30
N SER A 604 -5.23 2.97 -11.50
CA SER A 604 -3.87 3.20 -11.99
C SER A 604 -2.89 2.23 -11.36
N ARG A 605 -1.89 1.88 -12.14
CA ARG A 605 -0.82 1.05 -11.69
C ARG A 605 0.34 1.86 -11.11
N SER A 606 0.14 3.16 -10.90
CA SER A 606 1.22 3.98 -10.39
C SER A 606 1.46 3.73 -8.93
N THR A 607 2.75 3.78 -8.56
CA THR A 607 3.18 3.66 -7.19
C THR A 607 3.09 4.98 -6.41
N PHE A 608 2.33 4.99 -5.31
CA PHE A 608 2.40 6.09 -4.35
C PHE A 608 3.03 5.57 -3.06
N ALA A 609 4.34 5.75 -2.92
CA ALA A 609 5.13 5.01 -1.89
C ALA A 609 4.68 5.42 -0.51
N MET A 610 4.60 6.73 -0.28
CA MET A 610 4.03 7.25 0.96
C MET A 610 2.80 6.51 1.48
N GLY A 611 1.89 6.16 0.56
CA GLY A 611 0.64 5.49 0.90
C GLY A 611 0.65 3.96 0.71
N ASN A 612 1.84 3.39 0.45
CA ASN A 612 1.96 1.95 0.17
C ASN A 612 0.92 1.47 -0.82
N MET A 613 0.76 2.25 -1.88
CA MET A 613 -0.32 2.11 -2.81
C MET A 613 0.20 1.88 -4.23
N GLY A 614 -0.32 0.88 -4.92
CA GLY A 614 -0.07 0.79 -6.35
C GLY A 614 1.31 0.26 -6.61
N GLY A 615 1.72 0.30 -7.87
CA GLY A 615 3.05 -0.20 -8.29
C GLY A 615 3.31 -1.64 -7.95
N TYR A 616 4.59 -1.94 -7.72
CA TYR A 616 5.00 -3.24 -7.19
C TYR A 616 4.81 -3.24 -5.66
N ASN A 617 3.65 -3.76 -5.28
CA ASN A 617 3.27 -3.84 -3.89
C ASN A 617 3.52 -2.57 -3.08
N GLY A 618 3.09 -1.45 -3.62
CA GLY A 618 3.14 -0.19 -2.86
C GLY A 618 4.50 0.44 -2.56
N ARG A 619 5.58 0.01 -3.21
CA ARG A 619 6.92 0.53 -2.86
C ARG A 619 7.93 0.50 -4.01
N ILE A 620 9.08 1.14 -3.80
CA ILE A 620 10.24 1.03 -4.71
C ILE A 620 10.75 -0.40 -4.80
N LEU A 621 11.40 -0.73 -5.91
CA LEU A 621 11.89 -2.07 -6.13
C LEU A 621 12.99 -2.41 -5.14
N LYS A 622 13.17 -3.72 -4.89
CA LYS A 622 14.18 -4.27 -3.96
C LYS A 622 14.98 -5.43 -4.59
N LEU A 623 16.20 -5.62 -4.09
CA LEU A 623 17.07 -6.74 -4.52
C LEU A 623 16.25 -7.98 -4.39
N GLY A 624 16.16 -8.75 -5.47
CA GLY A 624 15.36 -9.97 -5.42
C GLY A 624 13.97 -9.91 -6.01
N ASP A 625 13.35 -8.73 -6.09
CA ASP A 625 12.02 -8.66 -6.74
C ASP A 625 11.99 -9.27 -8.14
N VAL A 626 10.78 -9.69 -8.53
CA VAL A 626 10.51 -10.36 -9.81
C VAL A 626 9.26 -9.77 -10.48
N LEU A 627 9.44 -9.04 -11.57
CA LEU A 627 8.31 -8.41 -12.23
C LEU A 627 7.92 -9.05 -13.53
N PHE A 628 6.63 -9.29 -13.67
CA PHE A 628 6.04 -10.04 -14.76
C PHE A 628 5.69 -9.16 -15.93
N LEU A 629 5.86 -9.70 -17.16
CA LEU A 629 5.55 -8.96 -18.38
C LEU A 629 4.31 -9.51 -19.04
N ASN A 630 3.99 -8.99 -20.22
CA ASN A 630 2.75 -9.30 -20.91
C ASN A 630 3.03 -9.87 -22.32
N GLN A 631 3.69 -11.03 -22.41
CA GLN A 631 3.87 -11.75 -23.70
C GLN A 631 2.49 -12.33 -24.11
N PRO A 632 1.91 -11.81 -25.22
CA PRO A 632 0.53 -12.23 -25.60
C PRO A 632 0.31 -13.78 -25.66
N GLU A 633 1.27 -14.53 -26.19
CA GLU A 633 1.18 -16.00 -26.24
C GLU A 633 1.34 -16.71 -24.86
N LEU A 634 2.31 -16.27 -24.05
CA LEU A 634 2.52 -16.82 -22.69
C LEU A 634 1.78 -16.03 -21.57
N SER A 635 0.69 -15.31 -21.91
CA SER A 635 -0.04 -14.49 -20.90
C SER A 635 -1.57 -14.52 -20.92
N VAL A 636 -2.07 -14.51 -19.70
CA VAL A 636 -3.40 -14.10 -19.35
C VAL A 636 -3.20 -12.79 -18.57
N SER A 637 -3.43 -11.66 -19.26
CA SER A 637 -3.20 -10.34 -18.67
C SER A 637 -4.25 -9.33 -19.15
N SER A 638 -4.53 -8.33 -18.33
CA SER A 638 -5.44 -7.25 -18.72
C SER A 638 -4.70 -5.96 -19.17
N LEU A 639 -3.36 -6.02 -19.22
CA LEU A 639 -2.57 -4.92 -19.78
C LEU A 639 -2.88 -4.63 -21.26
N PRO A 640 -2.90 -3.33 -21.64
CA PRO A 640 -3.18 -2.99 -23.04
C PRO A 640 -1.99 -3.34 -23.96
N ALA A 641 -2.26 -4.24 -24.91
CA ALA A 641 -1.37 -4.62 -26.01
C ALA A 641 -0.78 -3.40 -26.74
N PRO A 642 0.48 -3.52 -27.25
CA PRO A 642 1.09 -2.38 -27.91
C PRO A 642 0.36 -1.94 -29.19
N ASP A 643 0.52 -0.68 -29.52
CA ASP A 643 -0.23 -0.09 -30.59
C ASP A 643 0.62 0.06 -31.85
N PHE A 644 1.95 0.06 -31.70
CA PHE A 644 2.84 0.63 -32.71
C PHE A 644 4.00 -0.28 -32.86
N GLU A 645 4.67 -0.23 -34.01
CA GLU A 645 5.91 -1.01 -34.14
C GLU A 645 6.95 -0.20 -33.41
N PRO A 646 7.92 -0.84 -32.74
CA PRO A 646 8.89 0.07 -32.10
C PRO A 646 9.64 0.98 -33.13
N GLN A 647 10.25 2.06 -32.64
CA GLN A 647 10.91 3.05 -33.50
C GLN A 647 11.76 4.01 -32.66
N ALA A 648 13.03 4.21 -33.02
CA ALA A 648 13.83 5.27 -32.38
C ALA A 648 13.05 6.60 -32.34
N ALA A 649 13.07 7.32 -31.23
CA ALA A 649 12.40 8.61 -31.18
C ALA A 649 13.04 9.54 -32.17
N PRO A 650 12.26 10.17 -33.06
CA PRO A 650 12.83 11.24 -33.88
C PRO A 650 13.55 12.17 -32.96
N LYS A 651 14.67 12.74 -33.36
CA LYS A 651 15.49 13.51 -32.40
C LYS A 651 14.98 14.91 -32.17
N SER A 652 14.17 15.44 -33.09
CA SER A 652 13.62 16.79 -32.87
C SER A 652 12.55 16.76 -31.75
N LEU A 653 11.98 15.58 -31.52
CA LEU A 653 11.02 15.35 -30.45
C LEU A 653 11.64 15.12 -29.05
N LEU A 654 12.97 14.97 -28.97
CA LEU A 654 13.59 14.83 -27.65
C LEU A 654 13.54 16.16 -26.90
N PRO A 655 13.33 16.10 -25.57
CA PRO A 655 13.32 17.31 -24.77
C PRO A 655 14.75 17.82 -24.56
N THR A 656 14.89 19.12 -24.40
CA THR A 656 16.16 19.73 -24.16
C THR A 656 16.33 19.95 -22.69
N LEU A 657 17.06 19.03 -22.09
CA LEU A 657 17.49 19.16 -20.72
C LEU A 657 18.56 20.23 -20.61
N SER A 658 18.62 20.91 -19.49
CA SER A 658 19.72 21.84 -19.24
C SER A 658 21.08 21.20 -19.31
N THR A 659 22.08 22.03 -19.46
CA THR A 659 23.43 21.54 -19.76
C THR A 659 24.42 21.89 -18.66
N ASN A 660 23.95 22.67 -17.70
CA ASN A 660 24.77 23.38 -16.76
C ASN A 660 23.98 23.72 -15.46
N LYS A 661 23.09 22.81 -15.08
CA LYS A 661 22.40 22.89 -13.76
C LYS A 661 21.65 24.21 -13.64
N ASP A 662 21.10 24.63 -14.77
CA ASP A 662 20.42 25.91 -14.75
C ASP A 662 19.29 25.89 -15.76
N TRP A 663 18.13 26.41 -15.36
CA TRP A 663 16.91 26.12 -16.11
C TRP A 663 15.97 27.26 -16.09
N LYS A 664 15.23 27.44 -17.19
CA LYS A 664 14.12 28.44 -17.19
C LYS A 664 12.87 27.62 -17.18
N ILE A 665 11.94 27.98 -16.29
CA ILE A 665 10.76 27.17 -16.08
C ILE A 665 9.51 28.00 -16.20
N GLY A 666 8.70 27.70 -17.21
CA GLY A 666 7.51 28.51 -17.51
C GLY A 666 6.38 28.28 -16.51
N VAL A 667 5.71 29.34 -16.08
CA VAL A 667 4.64 29.19 -15.13
C VAL A 667 3.52 30.15 -15.53
N THR A 668 2.29 29.87 -15.07
CA THR A 668 1.20 30.84 -15.14
C THR A 668 1.16 31.55 -13.79
N CYS A 669 1.10 32.87 -13.82
CA CYS A 669 0.97 33.68 -12.61
C CYS A 669 -0.32 33.33 -11.88
N GLY A 670 -0.30 33.31 -10.54
CA GLY A 670 -1.47 32.89 -9.71
C GLY A 670 -1.39 31.56 -8.95
N PRO A 671 -2.15 31.39 -7.86
CA PRO A 671 -3.29 32.22 -7.49
C PRO A 671 -2.93 33.46 -6.74
N HIS A 672 -1.89 33.41 -5.93
CA HIS A 672 -1.73 34.48 -4.95
C HIS A 672 -0.63 35.53 -5.25
N GLY A 673 -0.07 35.51 -6.46
CA GLY A 673 0.94 36.53 -6.88
C GLY A 673 0.28 37.89 -7.09
N SER A 674 -0.38 38.41 -6.06
CA SER A 674 -1.13 39.68 -6.15
C SER A 674 -0.91 40.44 -4.88
N ILE A 675 -1.15 41.75 -4.88
CA ILE A 675 -0.62 42.61 -3.80
C ILE A 675 -1.52 42.65 -2.54
N ASP A 676 -2.63 41.90 -2.55
CA ASP A 676 -3.44 41.67 -1.36
C ASP A 676 -2.66 40.76 -0.38
N LEU A 677 -1.66 40.03 -0.92
CA LEU A 677 -0.85 39.08 -0.16
C LEU A 677 0.68 39.32 -0.12
N PHE A 678 1.31 39.51 -1.28
CA PHE A 678 2.75 39.86 -1.39
C PHE A 678 3.02 41.34 -1.79
N LYS A 679 4.07 41.94 -1.28
CA LYS A 679 4.46 43.24 -1.83
C LYS A 679 4.86 43.12 -3.30
N GLU A 680 4.42 44.12 -4.09
CA GLU A 680 4.89 44.37 -5.48
C GLU A 680 6.32 43.95 -5.73
N GLU A 681 7.28 44.53 -5.01
CA GLU A 681 8.70 44.24 -5.31
C GLU A 681 9.03 42.76 -5.12
N TYR A 682 8.43 42.16 -4.11
CA TYR A 682 8.68 40.73 -3.92
C TYR A 682 8.21 39.86 -5.11
N ILE A 683 7.03 40.17 -5.66
CA ILE A 683 6.59 39.58 -6.94
C ILE A 683 7.62 39.76 -8.08
N GLU A 684 8.13 40.98 -8.24
CA GLU A 684 9.23 41.22 -9.15
C GLU A 684 10.42 40.34 -8.80
N GLN A 685 10.91 40.42 -7.57
CA GLN A 685 12.10 39.63 -7.21
C GLN A 685 11.84 38.17 -7.47
N PHE A 686 10.60 37.72 -7.25
CA PHE A 686 10.24 36.31 -7.42
C PHE A 686 10.61 35.82 -8.79
N PHE A 687 10.32 36.65 -9.81
CA PHE A 687 10.54 36.33 -11.23
C PHE A 687 11.90 36.82 -11.75
N ASN A 688 12.48 37.84 -11.08
CA ASN A 688 13.80 38.34 -11.45
C ASN A 688 14.93 37.44 -10.95
N ASP A 689 14.92 37.06 -9.67
CA ASP A 689 15.98 36.19 -9.10
C ASP A 689 15.92 34.69 -9.46
N LYS A 690 17.06 34.03 -9.27
CA LYS A 690 17.16 32.61 -9.49
C LYS A 690 16.94 31.92 -8.18
N TRP A 691 16.46 30.70 -8.27
CA TRP A 691 16.14 29.88 -7.11
C TRP A 691 17.05 28.66 -7.17
N LYS A 692 17.57 28.27 -6.00
CA LYS A 692 18.44 27.12 -5.89
C LYS A 692 17.64 25.92 -5.33
N VAL A 693 17.79 24.76 -5.94
CA VAL A 693 17.14 23.55 -5.48
C VAL A 693 17.77 22.96 -4.19
N HIS A 694 16.94 22.73 -3.18
CA HIS A 694 17.31 22.38 -1.79
C HIS A 694 17.41 20.86 -1.60
N TYR A 695 18.28 20.42 -0.70
CA TYR A 695 18.54 18.96 -0.54
C TYR A 695 17.24 18.15 -0.20
N ASN A 696 16.33 18.77 0.56
CA ASN A 696 15.03 18.20 0.82
C ASN A 696 14.03 18.33 -0.35
N SER A 697 14.25 17.56 -1.42
CA SER A 697 13.33 17.57 -2.54
C SER A 697 13.02 16.16 -2.90
N ASN A 698 11.80 15.85 -3.28
CA ASN A 698 11.44 14.49 -3.72
C ASN A 698 10.10 14.54 -4.44
N ARG A 699 9.48 13.39 -4.67
CA ARG A 699 8.25 13.40 -5.40
C ARG A 699 7.12 14.15 -4.67
N PHE A 700 7.28 14.46 -3.38
CA PHE A 700 6.22 15.22 -2.74
C PHE A 700 6.30 16.65 -3.21
N GLY A 701 7.49 17.06 -3.65
CA GLY A 701 7.72 18.44 -3.98
C GLY A 701 9.18 18.81 -3.91
N VAL A 702 9.55 19.86 -4.63
CA VAL A 702 10.91 20.24 -4.83
C VAL A 702 11.13 21.54 -4.13
N ARG A 703 11.92 21.51 -3.07
CA ARG A 703 12.13 22.68 -2.21
C ARG A 703 13.16 23.70 -2.81
N LEU A 704 12.95 24.99 -2.58
CA LEU A 704 13.76 26.03 -3.27
C LEU A 704 14.44 26.94 -2.27
N ILE A 705 15.63 27.40 -2.60
CA ILE A 705 16.32 28.39 -1.79
C ILE A 705 16.38 29.67 -2.62
N GLY A 706 15.93 30.78 -2.05
CA GLY A 706 16.11 32.07 -2.67
C GLY A 706 15.58 33.21 -1.82
N PRO A 707 15.17 34.29 -2.46
CA PRO A 707 14.88 35.51 -1.70
C PRO A 707 13.68 35.34 -0.78
N LYS A 708 13.70 36.00 0.35
CA LYS A 708 12.69 35.84 1.37
C LYS A 708 11.53 36.75 1.07
N PRO A 709 10.29 36.34 1.36
CA PRO A 709 9.11 37.18 0.97
C PRO A 709 8.87 38.45 1.76
N LYS A 710 8.25 39.43 1.12
CA LYS A 710 7.79 40.57 1.83
C LYS A 710 6.30 40.52 1.75
N TRP A 711 5.68 40.43 2.90
CA TRP A 711 4.27 40.18 3.00
C TRP A 711 3.42 41.46 3.04
N ALA A 712 2.23 41.38 2.45
CA ALA A 712 1.35 42.52 2.37
C ALA A 712 0.54 42.57 3.62
N ARG A 713 0.44 41.47 4.33
CA ARG A 713 -0.35 41.44 5.56
C ARG A 713 0.64 41.23 6.69
N SER A 714 0.21 41.56 7.91
CA SER A 714 1.07 41.50 9.08
C SER A 714 1.01 40.09 9.67
N ASP A 715 -0.13 39.42 9.46
CA ASP A 715 -0.39 38.01 9.83
C ASP A 715 -1.52 37.43 8.97
N GLY A 716 -1.81 36.12 9.14
CA GLY A 716 -2.93 35.47 8.45
C GLY A 716 -4.22 35.30 9.24
N GLY A 717 -4.38 36.03 10.37
CA GLY A 717 -5.60 35.93 11.16
C GLY A 717 -5.86 34.52 11.63
N GLU A 718 -7.13 34.18 11.82
CA GLU A 718 -7.57 32.82 12.21
C GLU A 718 -6.97 31.61 11.47
N ALA A 719 -6.52 31.77 10.24
CA ALA A 719 -5.94 30.61 9.55
C ALA A 719 -4.44 30.35 9.94
N GLY A 720 -3.91 31.16 10.85
CA GLY A 720 -2.54 31.04 11.30
C GLY A 720 -1.90 32.42 11.28
N LEU A 721 -0.94 32.65 12.16
CA LEU A 721 -0.34 33.94 12.30
C LEU A 721 0.61 34.28 11.18
N HIS A 722 1.35 33.32 10.66
CA HIS A 722 2.34 33.69 9.68
C HIS A 722 1.67 34.23 8.39
N PRO A 723 2.18 35.34 7.82
CA PRO A 723 1.39 35.95 6.78
C PRO A 723 1.21 35.12 5.54
N SER A 724 1.95 34.01 5.35
CA SER A 724 1.70 33.07 4.21
C SER A 724 0.56 32.10 4.47
N ASN A 725 0.11 32.04 5.73
CA ASN A 725 -0.95 31.13 6.15
C ASN A 725 -2.29 31.59 5.58
N ALA A 726 -3.10 30.63 5.12
CA ALA A 726 -4.27 30.88 4.32
C ALA A 726 -5.33 29.94 4.78
N HIS A 727 -6.60 30.38 4.70
CA HIS A 727 -7.67 29.43 4.94
C HIS A 727 -7.53 28.30 3.91
N ASP A 728 -7.32 27.11 4.42
CA ASP A 728 -6.96 25.95 3.61
C ASP A 728 -7.87 25.83 2.39
N TYR A 729 -7.24 25.60 1.22
CA TYR A 729 -7.84 25.62 -0.12
C TYR A 729 -7.00 24.65 -0.88
N VAL A 730 -7.46 24.20 -2.03
CA VAL A 730 -6.82 23.07 -2.74
C VAL A 730 -5.85 23.61 -3.74
N TYR A 731 -4.70 22.98 -3.80
CA TYR A 731 -3.62 23.55 -4.54
C TYR A 731 -3.64 22.98 -5.93
N SER A 732 -2.89 23.61 -6.80
CA SER A 732 -2.71 23.09 -8.16
C SER A 732 -1.44 22.29 -8.31
N LEU A 733 -1.51 21.16 -9.00
CA LEU A 733 -0.29 20.52 -9.49
C LEU A 733 0.62 21.60 -10.10
N GLY A 734 1.84 21.66 -9.57
CA GLY A 734 2.83 22.55 -10.10
C GLY A 734 2.89 23.83 -9.31
N ALA A 735 1.99 24.01 -8.34
CA ALA A 735 1.92 25.30 -7.62
C ALA A 735 3.21 25.56 -6.85
N ILE A 736 3.51 26.83 -6.67
CA ILE A 736 4.74 27.16 -5.95
C ILE A 736 4.25 27.66 -4.60
N ASN A 737 4.33 26.78 -3.62
CA ASN A 737 3.67 26.93 -2.31
C ASN A 737 4.66 27.49 -1.33
N PHE A 738 4.27 28.59 -0.69
CA PHE A 738 5.10 29.24 0.30
C PHE A 738 4.81 28.72 1.73
N THR A 739 5.54 27.68 2.15
CA THR A 739 5.30 27.08 3.47
C THR A 739 6.05 27.96 4.43
N GLY A 740 5.39 28.96 4.97
CA GLY A 740 6.11 30.05 5.69
C GLY A 740 6.92 30.91 4.70
N ASP A 741 8.22 31.07 4.93
CA ASP A 741 9.04 31.99 4.19
C ASP A 741 9.88 31.31 3.07
N GLU A 742 9.63 30.03 2.84
CA GLU A 742 10.35 29.28 1.84
C GLU A 742 9.33 28.53 0.99
N PRO A 743 9.56 28.46 -0.34
CA PRO A 743 8.64 27.85 -1.29
C PRO A 743 9.06 26.49 -1.74
N VAL A 744 8.11 25.74 -2.29
CA VAL A 744 8.39 24.40 -2.73
C VAL A 744 7.45 24.13 -3.88
N ILE A 745 7.96 23.45 -4.90
CA ILE A 745 7.11 23.12 -5.98
C ILE A 745 6.36 21.81 -5.76
N ILE A 746 5.02 21.90 -5.73
CA ILE A 746 4.10 20.77 -5.59
C ILE A 746 4.15 19.83 -6.81
N THR A 747 4.63 18.60 -6.64
CA THR A 747 4.76 17.73 -7.79
C THR A 747 3.81 16.53 -7.72
N CYS A 748 3.99 15.51 -8.56
CA CYS A 748 2.97 14.45 -8.69
C CYS A 748 2.65 13.56 -7.48
N ASP A 749 3.53 13.47 -6.49
CA ASP A 749 3.15 12.81 -5.21
C ASP A 749 2.77 13.83 -4.14
N GLY A 750 2.30 14.99 -4.57
CA GLY A 750 2.27 16.15 -3.68
C GLY A 750 0.95 16.44 -2.99
N PRO A 751 0.96 17.38 -2.03
CA PRO A 751 -0.24 17.69 -1.27
C PRO A 751 -1.29 18.49 -2.09
N SER A 752 -2.49 18.48 -1.61
CA SER A 752 -3.68 18.87 -2.33
C SER A 752 -4.35 19.98 -1.51
N LEU A 753 -5.08 19.66 -0.43
CA LEU A 753 -5.68 20.73 0.41
C LEU A 753 -4.65 21.23 1.41
N GLY A 754 -4.27 22.50 1.36
CA GLY A 754 -3.11 22.95 2.14
C GLY A 754 -3.34 24.33 2.68
N GLY A 755 -2.49 24.79 3.59
CA GLY A 755 -2.81 25.92 4.46
C GLY A 755 -1.98 27.18 4.18
N PHE A 756 -1.27 27.24 3.03
CA PHE A 756 -0.44 28.40 2.65
C PHE A 756 -0.71 28.95 1.26
N VAL A 757 -0.32 30.21 1.01
CA VAL A 757 -0.54 30.82 -0.31
C VAL A 757 0.43 30.22 -1.33
N CYS A 758 -0.01 30.16 -2.60
CA CYS A 758 0.81 29.70 -3.74
C CYS A 758 0.99 30.91 -4.67
N GLN A 759 2.20 31.12 -5.17
CA GLN A 759 2.51 32.33 -5.89
C GLN A 759 2.13 32.17 -7.36
N ALA A 760 2.56 31.06 -7.96
CA ALA A 760 2.47 30.82 -9.40
C ALA A 760 2.36 29.30 -9.53
N VAL A 761 2.10 28.79 -10.75
CA VAL A 761 2.02 27.36 -10.99
C VAL A 761 2.72 26.98 -12.31
N VAL A 762 3.70 26.08 -12.20
CA VAL A 762 4.42 25.57 -13.30
C VAL A 762 3.41 25.04 -14.31
N ALA A 763 3.65 25.30 -15.61
CA ALA A 763 2.64 24.94 -16.60
C ALA A 763 2.64 23.45 -16.75
N GLU A 764 1.50 22.85 -16.97
CA GLU A 764 1.44 21.43 -17.04
C GLU A 764 2.67 20.86 -17.75
N ALA A 765 2.96 21.46 -18.91
CA ALA A 765 3.88 20.93 -19.91
C ALA A 765 5.28 21.33 -19.54
N GLU A 766 5.40 22.22 -18.56
CA GLU A 766 6.70 22.56 -17.99
C GLU A 766 7.11 21.71 -16.76
N LEU A 767 6.15 21.00 -16.15
CA LEU A 767 6.43 20.17 -14.96
C LEU A 767 7.55 19.15 -15.16
N TRP A 768 7.70 18.60 -16.38
CA TRP A 768 8.77 17.66 -16.66
C TRP A 768 10.14 18.21 -16.31
N LYS A 769 10.33 19.50 -16.43
CA LYS A 769 11.59 20.12 -16.05
C LYS A 769 11.84 19.88 -14.59
N VAL A 770 10.77 20.09 -13.80
CA VAL A 770 10.85 19.97 -12.34
C VAL A 770 11.21 18.54 -11.97
N GLY A 771 10.75 17.57 -12.74
CA GLY A 771 11.23 16.18 -12.59
C GLY A 771 12.70 15.88 -12.94
N GLN A 772 13.46 16.90 -13.31
CA GLN A 772 14.84 16.65 -13.70
C GLN A 772 15.79 17.52 -12.88
N LEU A 773 15.20 18.34 -12.01
CA LEU A 773 15.97 19.11 -11.04
C LEU A 773 16.73 18.20 -10.03
N THR A 774 17.93 18.63 -9.63
CA THR A 774 18.75 17.89 -8.65
C THR A 774 19.18 18.99 -7.72
N PRO A 775 19.52 18.66 -6.46
CA PRO A 775 19.94 19.72 -5.51
C PRO A 775 21.07 20.51 -6.10
N GLY A 776 21.07 21.80 -5.84
CA GLY A 776 22.06 22.69 -6.36
C GLY A 776 21.71 23.28 -7.70
N ASP A 777 20.73 22.74 -8.44
CA ASP A 777 20.36 23.34 -9.73
C ASP A 777 19.86 24.74 -9.44
N THR A 778 19.98 25.64 -10.41
CA THR A 778 19.33 26.95 -10.35
C THR A 778 18.16 27.01 -11.32
N ILE A 779 17.13 27.76 -10.97
CA ILE A 779 15.99 27.88 -11.88
C ILE A 779 15.52 29.29 -11.84
N GLN A 780 14.79 29.68 -12.90
CA GLN A 780 14.11 30.97 -12.96
C GLN A 780 12.76 30.72 -13.55
N PHE A 781 11.75 31.28 -12.89
CA PHE A 781 10.37 31.14 -13.32
C PHE A 781 10.01 32.20 -14.32
N VAL A 782 9.46 31.76 -15.41
CA VAL A 782 9.28 32.62 -16.54
C VAL A 782 7.75 32.70 -16.78
N PRO A 783 7.18 33.91 -16.74
CA PRO A 783 5.71 34.04 -16.90
C PRO A 783 5.21 33.68 -18.30
N LEU A 784 4.06 33.06 -18.33
CA LEU A 784 3.55 32.44 -19.51
C LEU A 784 2.02 32.66 -19.40
N SER A 785 1.42 33.01 -20.57
CA SER A 785 -0.01 33.19 -20.73
C SER A 785 -0.69 31.84 -20.77
N TYR A 786 -1.96 31.82 -20.40
CA TYR A 786 -2.75 30.61 -20.53
C TYR A 786 -2.54 29.95 -21.92
N GLY A 787 -2.59 30.75 -23.00
CA GLY A 787 -2.57 30.20 -24.36
C GLY A 787 -1.23 29.57 -24.71
N VAL A 788 -0.16 30.28 -24.38
CA VAL A 788 1.17 29.73 -24.62
C VAL A 788 1.31 28.37 -23.89
N ALA A 789 0.78 28.31 -22.68
CA ALA A 789 0.85 27.14 -21.88
C ALA A 789 0.12 25.96 -22.54
N ARG A 790 -0.98 26.23 -23.23
CA ARG A 790 -1.74 25.17 -23.97
C ARG A 790 -0.98 24.71 -25.19
N GLN A 791 -0.28 25.64 -25.81
CA GLN A 791 0.47 25.39 -27.05
C GLN A 791 1.55 24.35 -26.78
N LEU A 792 2.35 24.59 -25.72
CA LEU A 792 3.40 23.66 -25.35
C LEU A 792 2.77 22.27 -25.12
N LYS A 793 1.70 22.26 -24.35
CA LYS A 793 1.09 21.01 -23.97
C LYS A 793 0.65 20.25 -25.19
N GLU A 794 -0.12 20.90 -26.05
CA GLU A 794 -0.64 20.28 -27.27
C GLU A 794 0.46 19.78 -28.18
N SER A 795 1.59 20.50 -28.21
CA SER A 795 2.72 20.06 -28.97
C SER A 795 3.28 18.75 -28.40
N GLN A 796 3.18 18.52 -27.09
CA GLN A 796 3.71 17.26 -26.56
C GLN A 796 2.77 16.12 -26.97
N ASP A 797 1.46 16.36 -26.94
CA ASP A 797 0.58 15.32 -27.32
C ASP A 797 0.72 14.94 -28.80
N LYS A 798 0.89 15.94 -29.67
CA LYS A 798 1.07 15.65 -31.09
C LYS A 798 2.38 14.95 -31.34
N SER A 799 3.40 15.32 -30.57
CA SER A 799 4.70 14.71 -30.68
C SER A 799 4.55 13.27 -30.30
N ILE A 800 3.88 12.98 -29.20
CA ILE A 800 3.73 11.60 -28.84
C ILE A 800 2.81 10.81 -29.75
N ASP A 801 1.76 11.44 -30.24
CA ASP A 801 0.72 10.69 -30.99
C ASP A 801 1.10 10.32 -32.39
N ASN A 802 1.80 11.22 -33.07
CA ASN A 802 2.15 11.00 -34.47
C ASN A 802 3.58 10.51 -34.57
N PHE A 803 4.46 11.10 -33.73
CA PHE A 803 5.85 10.69 -33.60
C PHE A 803 6.63 11.07 -34.87
N GLU A 804 6.63 12.37 -35.17
CA GLU A 804 7.05 12.93 -36.46
C GLU A 804 7.96 14.16 -36.24
N GLU A 805 9.13 14.21 -36.88
CA GLU A 805 10.09 15.32 -36.71
C GLU A 805 9.43 16.72 -36.72
N GLY A 806 9.83 17.59 -35.79
CA GLY A 806 9.45 19.00 -35.84
C GLY A 806 8.20 19.42 -35.06
N SER A 807 7.49 18.46 -34.46
CA SER A 807 6.21 18.81 -33.80
C SER A 807 6.26 19.26 -32.32
N LEU A 808 7.45 19.27 -31.72
CA LEU A 808 7.60 19.66 -30.33
C LEU A 808 7.98 21.12 -30.21
N LEU A 809 7.17 21.85 -29.45
CA LEU A 809 7.45 23.23 -29.14
C LEU A 809 8.05 23.33 -27.76
N GLU A 810 8.97 24.27 -27.58
CA GLU A 810 9.65 24.46 -26.31
C GLU A 810 9.72 25.93 -26.05
N LEU A 811 9.90 26.28 -24.78
CA LEU A 811 10.18 27.63 -24.34
C LEU A 811 11.13 28.37 -25.31
N SER A 812 10.76 29.60 -25.65
CA SER A 812 11.64 30.50 -26.40
C SER A 812 11.16 31.92 -26.12
N ASP A 813 12.06 32.90 -26.24
CA ASP A 813 11.74 34.26 -25.80
C ASP A 813 10.43 34.85 -26.27
N ASP A 814 10.04 34.58 -27.52
CA ASP A 814 8.79 35.12 -28.05
C ASP A 814 7.54 34.41 -27.50
N LYS A 815 7.76 33.36 -26.70
CA LYS A 815 6.66 32.69 -25.98
C LYS A 815 6.41 33.31 -24.57
N ILE A 816 7.34 34.14 -24.09
CA ILE A 816 7.29 34.60 -22.72
C ILE A 816 6.69 35.98 -22.54
N LEU A 817 5.65 36.09 -21.70
CA LEU A 817 5.14 37.38 -21.21
C LEU A 817 6.25 38.37 -20.74
N PRO A 818 6.13 39.66 -21.12
CA PRO A 818 7.10 40.70 -20.75
C PRO A 818 7.24 40.92 -19.25
N LYS A 819 6.12 40.75 -18.54
CA LYS A 819 6.05 40.96 -17.09
C LYS A 819 4.95 40.04 -16.48
N TYR A 820 5.11 39.65 -15.23
CA TYR A 820 4.06 38.86 -14.59
C TYR A 820 2.75 39.61 -14.74
N GLU A 821 1.67 38.86 -14.87
CA GLU A 821 0.38 39.47 -14.98
C GLU A 821 -0.41 39.25 -13.68
N ASN A 822 -1.58 39.89 -13.59
CA ASN A 822 -2.47 39.80 -12.46
C ASN A 822 -3.25 38.48 -12.41
N PRO A 823 -3.14 37.70 -11.33
CA PRO A 823 -3.80 36.39 -11.33
C PRO A 823 -5.30 36.48 -11.10
N ILE A 824 -5.77 37.67 -10.70
CA ILE A 824 -7.20 37.84 -10.39
C ILE A 824 -8.02 38.06 -11.66
N LEU A 825 -8.80 37.06 -11.99
CA LEU A 825 -9.49 37.01 -13.25
C LEU A 825 -10.79 37.79 -13.22
N ALA A 826 -11.49 37.83 -12.08
CA ALA A 826 -12.67 38.67 -11.90
C ALA A 826 -13.09 38.67 -10.45
N VAL A 827 -13.71 39.76 -10.00
CA VAL A 827 -14.26 39.86 -8.67
C VAL A 827 -15.74 40.17 -8.74
N LEU A 828 -16.60 39.30 -8.18
CA LEU A 828 -18.01 39.66 -7.96
C LEU A 828 -18.18 40.30 -6.61
N PRO A 829 -18.86 41.46 -6.52
CA PRO A 829 -19.00 42.16 -5.22
C PRO A 829 -19.95 41.42 -4.33
N LYS A 830 -19.86 41.68 -3.03
CA LYS A 830 -20.74 41.09 -2.03
C LYS A 830 -22.13 41.61 -2.24
N LYS A 831 -23.13 40.76 -2.16
CA LYS A 831 -24.47 41.22 -2.45
C LYS A 831 -25.31 41.15 -1.18
N SER A 832 -25.19 40.05 -0.46
CA SER A 832 -25.95 39.83 0.73
C SER A 832 -25.18 38.91 1.67
N ASP A 833 -25.85 38.56 2.77
CA ASP A 833 -25.25 37.79 3.82
C ASP A 833 -24.87 36.36 3.39
N LEU A 834 -25.75 35.72 2.61
CA LEU A 834 -25.47 34.38 2.14
C LEU A 834 -24.85 34.39 0.75
N SER A 835 -24.62 35.57 0.17
CA SER A 835 -24.06 35.64 -1.18
C SER A 835 -22.88 36.64 -1.23
N PRO A 836 -21.74 36.13 -0.75
CA PRO A 836 -20.54 36.92 -0.51
C PRO A 836 -19.84 37.24 -1.82
N LYS A 837 -18.80 38.03 -1.71
CA LYS A 837 -17.97 38.33 -2.81
C LYS A 837 -17.26 37.05 -3.29
N VAL A 838 -16.97 37.05 -4.58
CA VAL A 838 -16.40 35.95 -5.24
C VAL A 838 -15.18 36.47 -5.94
N THR A 839 -14.07 35.75 -5.72
CA THR A 839 -12.81 36.06 -6.36
C THR A 839 -12.33 34.84 -7.13
N TYR A 840 -12.11 35.05 -8.42
CA TYR A 840 -11.71 34.03 -9.34
C TYR A 840 -10.22 34.23 -9.63
N ARG A 841 -9.41 33.23 -9.28
CA ARG A 841 -7.96 33.31 -9.52
C ARG A 841 -7.47 32.22 -10.47
N GLN A 842 -6.61 32.65 -11.36
CA GLN A 842 -6.01 31.75 -12.27
C GLN A 842 -5.06 30.88 -11.46
N ALA A 843 -5.14 29.57 -11.60
CA ALA A 843 -4.32 28.67 -10.79
C ALA A 843 -3.78 27.52 -11.59
N GLY A 844 -2.90 27.86 -12.51
CA GLY A 844 -2.36 26.87 -13.42
C GLY A 844 -3.10 26.80 -14.74
N ASP A 845 -2.36 26.41 -15.74
CA ASP A 845 -2.82 25.93 -17.03
C ASP A 845 -4.23 25.17 -16.97
N ARG A 846 -4.53 24.53 -15.82
CA ARG A 846 -5.62 23.52 -15.72
C ARG A 846 -6.74 23.85 -14.74
N TYR A 847 -6.69 25.02 -14.10
CA TYR A 847 -7.68 25.25 -13.08
C TYR A 847 -7.88 26.70 -12.82
N ILE A 848 -9.08 26.95 -12.29
CA ILE A 848 -9.45 28.26 -11.80
C ILE A 848 -9.83 28.04 -10.34
N LEU A 849 -9.25 28.85 -9.46
CA LEU A 849 -9.61 28.80 -8.07
C LEU A 849 -10.75 29.79 -7.77
N VAL A 850 -11.86 29.34 -7.19
CA VAL A 850 -12.99 30.24 -6.81
C VAL A 850 -12.92 30.48 -5.30
N GLU A 851 -12.76 31.72 -4.89
CA GLU A 851 -12.67 32.03 -3.46
C GLU A 851 -13.84 32.86 -2.90
N TYR A 852 -14.53 32.32 -1.92
CA TYR A 852 -15.60 33.08 -1.28
C TYR A 852 -15.22 33.99 -0.09
N GLY A 853 -15.88 35.13 -0.04
CA GLY A 853 -15.90 35.97 1.12
C GLY A 853 -14.69 36.83 1.21
N GLU A 854 -14.58 37.56 2.32
CA GLU A 854 -13.32 38.09 2.78
C GLU A 854 -12.51 36.93 3.41
N LEU A 855 -11.27 37.19 3.79
CA LEU A 855 -10.40 36.11 4.32
C LEU A 855 -10.84 35.73 5.77
N GLU A 856 -11.73 34.76 5.82
CA GLU A 856 -12.68 34.63 6.92
C GLU A 856 -13.42 33.29 6.78
N PHE A 857 -13.74 32.68 7.92
CA PHE A 857 -14.48 31.47 7.87
C PHE A 857 -15.91 31.89 8.18
N ASP A 858 -16.84 31.14 7.58
CA ASP A 858 -18.27 31.29 7.71
C ASP A 858 -18.85 29.97 7.21
N LEU A 859 -19.48 29.19 8.09
CA LEU A 859 -20.11 27.94 7.68
C LEU A 859 -21.00 28.03 6.44
N ASN A 860 -21.73 29.14 6.25
CA ASN A 860 -22.64 29.25 5.12
C ASN A 860 -21.94 29.06 3.77
N ILE A 861 -20.81 29.72 3.62
CA ILE A 861 -19.94 29.56 2.48
C ILE A 861 -19.58 28.06 2.17
N CYS A 862 -19.54 27.21 3.17
CA CYS A 862 -19.26 25.82 2.93
C CYS A 862 -20.45 25.20 2.27
N TYR A 863 -21.64 25.56 2.72
CA TYR A 863 -22.81 25.01 2.06
C TYR A 863 -22.89 25.54 0.62
N ARG A 864 -22.45 26.78 0.45
CA ARG A 864 -22.51 27.44 -0.83
C ARG A 864 -21.62 26.75 -1.86
N ILE A 865 -20.45 26.31 -1.40
CA ILE A 865 -19.50 25.59 -2.29
C ILE A 865 -20.20 24.31 -2.70
N ASN A 866 -20.92 23.75 -1.75
CA ASN A 866 -21.61 22.54 -2.08
C ASN A 866 -22.66 22.85 -3.20
N ARG A 867 -23.23 24.05 -3.19
CA ARG A 867 -24.33 24.42 -4.11
C ARG A 867 -23.73 24.76 -5.49
N LEU A 868 -22.62 25.51 -5.53
CA LEU A 868 -21.87 25.73 -6.78
C LEU A 868 -21.59 24.40 -7.48
N ILE A 869 -21.09 23.40 -6.76
CA ILE A 869 -20.75 22.13 -7.33
C ILE A 869 -22.01 21.56 -7.90
N HIS A 870 -23.11 21.75 -7.17
CA HIS A 870 -24.38 21.20 -7.58
C HIS A 870 -24.87 21.88 -8.89
N GLN A 871 -24.61 23.17 -9.04
CA GLN A 871 -24.98 23.87 -10.22
C GLN A 871 -24.23 23.44 -11.44
N VAL A 872 -22.98 23.04 -11.27
CA VAL A 872 -22.22 22.50 -12.39
C VAL A 872 -22.77 21.11 -12.75
N GLU A 873 -23.23 20.33 -11.78
CA GLU A 873 -23.73 19.00 -12.14
C GLU A 873 -25.03 19.09 -12.91
N ARG A 874 -25.84 20.06 -12.53
CA ARG A 874 -27.12 20.33 -13.08
C ARG A 874 -26.99 20.80 -14.54
N HIS A 875 -26.04 21.67 -14.83
CA HIS A 875 -25.82 22.07 -16.21
C HIS A 875 -25.03 21.03 -16.95
N GLN A 876 -24.49 20.05 -16.24
CA GLN A 876 -23.73 18.99 -16.90
C GLN A 876 -22.62 19.63 -17.76
N THR A 877 -22.03 20.72 -17.30
CA THR A 877 -21.10 21.42 -18.12
C THR A 877 -20.08 20.54 -18.75
N VAL A 878 -19.87 20.65 -20.06
CA VAL A 878 -18.74 19.98 -20.73
C VAL A 878 -17.39 20.64 -20.40
N GLY A 879 -16.37 19.81 -20.21
CA GLY A 879 -15.02 20.35 -20.02
C GLY A 879 -14.46 20.35 -18.61
N ILE A 880 -15.34 20.29 -17.61
CA ILE A 880 -14.95 20.32 -16.24
C ILE A 880 -14.47 18.98 -15.76
N VAL A 881 -13.26 18.94 -15.19
CA VAL A 881 -12.65 17.64 -14.82
C VAL A 881 -12.93 17.20 -13.36
N GLU A 882 -12.81 18.14 -12.43
CA GLU A 882 -12.91 17.81 -11.01
C GLU A 882 -13.02 19.12 -10.20
N MET A 883 -13.96 19.16 -9.26
CA MET A 883 -14.09 20.31 -8.39
C MET A 883 -13.72 19.88 -7.00
N SER A 884 -12.76 20.60 -6.42
CA SER A 884 -12.18 20.23 -5.13
C SER A 884 -12.48 21.20 -3.99
N GLN A 885 -13.30 20.78 -3.02
CA GLN A 885 -13.68 21.62 -1.85
C GLN A 885 -12.55 21.98 -0.86
N GLY A 886 -12.41 23.28 -0.61
CA GLY A 886 -11.63 23.77 0.51
C GLY A 886 -12.50 24.53 1.52
N VAL A 887 -11.88 25.30 2.40
CA VAL A 887 -12.61 25.89 3.49
C VAL A 887 -13.59 26.96 3.04
N ARG A 888 -13.16 27.80 2.11
CA ARG A 888 -14.01 28.88 1.64
C ARG A 888 -13.83 29.04 0.09
N SER A 889 -13.41 27.97 -0.56
CA SER A 889 -13.02 28.01 -1.94
C SER A 889 -13.30 26.66 -2.57
N VAL A 890 -13.14 26.59 -3.89
CA VAL A 890 -13.23 25.30 -4.58
C VAL A 890 -12.36 25.44 -5.77
N LEU A 891 -11.65 24.37 -6.07
CA LEU A 891 -10.75 24.48 -7.19
C LEU A 891 -11.39 23.69 -8.34
N ILE A 892 -11.43 24.32 -9.50
CA ILE A 892 -12.08 23.74 -10.63
C ILE A 892 -11.07 23.40 -11.70
N GLU A 893 -10.95 22.10 -12.00
CA GLU A 893 -9.99 21.66 -12.99
C GLU A 893 -10.71 21.50 -14.29
N PHE A 894 -10.09 22.03 -15.36
CA PHE A 894 -10.68 21.84 -16.67
C PHE A 894 -9.77 21.23 -17.72
N ASP A 895 -10.44 20.78 -18.78
CA ASP A 895 -9.81 20.30 -19.98
C ASP A 895 -9.92 21.40 -21.05
N GLY A 896 -8.82 22.09 -21.29
CA GLY A 896 -8.70 23.18 -22.26
C GLY A 896 -9.03 22.83 -23.70
N SER A 897 -8.92 21.56 -24.03
CA SER A 897 -9.34 21.10 -25.31
C SER A 897 -10.90 21.00 -25.41
N LYS A 898 -11.59 21.07 -24.26
CA LYS A 898 -13.07 21.05 -24.24
C LYS A 898 -13.75 22.38 -23.88
N ILE A 899 -13.05 23.24 -23.13
CA ILE A 899 -13.59 24.52 -22.67
C ILE A 899 -12.39 25.34 -22.35
N ASN A 900 -12.31 26.61 -22.77
CA ASN A 900 -11.13 27.43 -22.47
C ASN A 900 -11.32 28.23 -21.21
N GLN A 901 -10.26 28.85 -20.75
CA GLN A 901 -10.28 29.60 -19.53
C GLN A 901 -11.42 30.63 -19.48
N LYS A 902 -11.52 31.42 -20.55
CA LYS A 902 -12.46 32.52 -20.61
C LYS A 902 -13.86 32.00 -20.51
N ALA A 903 -14.14 30.91 -21.23
CA ALA A 903 -15.47 30.28 -21.22
C ALA A 903 -15.90 29.74 -19.85
N LEU A 904 -14.95 29.07 -19.16
CA LEU A 904 -15.24 28.49 -17.85
C LEU A 904 -15.51 29.63 -16.80
N LEU A 905 -14.69 30.68 -16.85
CA LEU A 905 -14.94 31.87 -16.05
C LEU A 905 -16.40 32.38 -16.19
N LYS A 906 -16.83 32.63 -17.43
CA LYS A 906 -18.20 33.07 -17.65
C LYS A 906 -19.26 32.02 -17.21
N CYS A 907 -19.13 30.73 -17.50
CA CYS A 907 -20.20 29.89 -16.99
C CYS A 907 -20.29 30.00 -15.46
N LEU A 908 -19.09 30.07 -14.83
CA LEU A 908 -19.03 30.07 -13.40
C LEU A 908 -19.64 31.33 -12.83
N ILE A 909 -19.27 32.50 -13.35
CA ILE A 909 -19.87 33.76 -12.91
C ILE A 909 -21.38 33.61 -13.02
N ALA A 910 -21.83 32.88 -14.04
CA ALA A 910 -23.24 32.85 -14.33
C ALA A 910 -23.96 31.83 -13.49
N TYR A 911 -23.42 30.62 -13.39
CA TYR A 911 -24.05 29.63 -12.49
C TYR A 911 -24.05 30.21 -11.06
N GLU A 912 -23.10 31.13 -10.77
CA GLU A 912 -23.02 31.66 -9.42
C GLU A 912 -24.29 32.35 -9.01
N SER A 913 -24.99 33.01 -9.95
CA SER A 913 -26.24 33.72 -9.64
C SER A 913 -27.42 32.77 -9.53
N GLU A 914 -27.22 31.48 -9.86
CA GLU A 914 -28.30 30.54 -9.80
C GLU A 914 -28.37 29.85 -8.46
N ILE A 915 -27.36 30.03 -7.63
CA ILE A 915 -27.34 29.36 -6.33
C ILE A 915 -28.44 29.99 -5.45
N GLN A 916 -29.39 29.20 -4.99
CA GLN A 916 -30.42 29.73 -4.07
C GLN A 916 -30.46 28.87 -2.83
N PHE A 917 -30.35 29.51 -1.67
CA PHE A 917 -30.59 28.77 -0.41
C PHE A 917 -30.80 29.74 0.73
N ASP A 918 -31.36 29.24 1.83
CA ASP A 918 -31.55 30.11 3.01
C ASP A 918 -30.73 29.62 4.20
N LYS A 919 -30.58 30.52 5.16
CA LYS A 919 -29.84 30.27 6.39
C LYS A 919 -30.24 28.92 7.05
N ASN A 920 -31.41 28.40 6.71
CA ASN A 920 -31.90 27.16 7.37
C ASN A 920 -31.54 25.82 6.78
N TRP A 921 -30.47 25.78 5.99
CA TRP A 921 -30.10 24.55 5.26
C TRP A 921 -29.77 23.34 6.15
N ASN A 922 -29.85 22.14 5.60
CA ASN A 922 -29.31 20.96 6.27
C ASN A 922 -28.54 20.02 5.35
N VAL A 923 -27.73 19.12 5.92
CA VAL A 923 -26.90 18.18 5.15
C VAL A 923 -26.79 16.89 5.92
N LYS A 924 -26.64 15.78 5.22
CA LYS A 924 -26.32 14.52 5.86
C LYS A 924 -24.95 14.73 6.50
N SER A 925 -24.80 14.26 7.73
CA SER A 925 -23.53 14.38 8.42
C SER A 925 -23.22 13.14 9.24
N LYS A 926 -22.15 12.44 8.89
CA LYS A 926 -21.63 11.31 9.73
C LYS A 926 -20.77 11.80 10.92
N ILE A 927 -21.09 11.28 12.11
CA ILE A 927 -20.42 11.65 13.40
C ILE A 927 -19.48 10.53 13.80
N PHE A 928 -18.19 10.84 13.77
CA PHE A 928 -17.14 9.92 14.13
C PHE A 928 -16.65 10.23 15.55
N LYS A 929 -16.62 9.20 16.40
CA LYS A 929 -15.95 9.32 17.69
C LYS A 929 -14.67 8.51 17.72
N LEU A 930 -13.55 9.22 17.81
CA LEU A 930 -12.26 8.61 17.54
C LEU A 930 -11.31 8.70 18.73
N PRO A 931 -10.65 7.57 19.11
CA PRO A 931 -9.75 7.59 20.25
C PRO A 931 -8.52 8.41 19.97
N MET A 932 -8.08 9.21 20.92
CA MET A 932 -6.81 9.95 20.71
C MET A 932 -5.94 9.95 21.98
N ALA A 933 -4.69 9.55 21.78
CA ALA A 933 -3.65 9.78 22.78
C ALA A 933 -3.06 11.23 22.77
N PHE A 934 -3.27 11.96 23.86
CA PHE A 934 -2.61 13.27 24.04
C PHE A 934 -1.06 13.24 24.13
N GLU A 935 -0.39 13.85 23.17
CA GLU A 935 1.08 14.08 23.25
C GLU A 935 1.82 12.82 23.54
N ASP A 936 1.58 11.79 22.76
CA ASP A 936 2.22 10.50 22.92
C ASP A 936 3.61 10.57 22.37
N SER A 937 4.34 9.48 22.44
CA SER A 937 5.71 9.52 22.07
C SER A 937 5.93 9.77 20.57
N LYS A 938 5.05 9.28 19.71
CA LYS A 938 5.34 9.39 18.28
C LYS A 938 5.10 10.82 17.76
N THR A 939 4.08 11.46 18.33
CA THR A 939 3.79 12.85 18.08
C THR A 939 4.95 13.72 18.56
N LEU A 940 5.36 13.57 19.83
CA LEU A 940 6.46 14.33 20.34
C LEU A 940 7.73 14.06 19.49
N ASP A 941 7.98 12.80 19.14
CA ASP A 941 9.21 12.56 18.39
C ASP A 941 9.22 13.27 17.04
N CYS A 942 8.01 13.66 16.55
CA CYS A 942 7.89 14.26 15.21
C CYS A 942 8.42 15.65 15.34
N VAL A 943 8.12 16.29 16.46
CA VAL A 943 8.66 17.60 16.76
C VAL A 943 10.15 17.50 17.01
N THR A 944 10.59 16.47 17.73
CA THR A 944 12.01 16.32 17.95
C THR A 944 12.79 16.28 16.65
N ARG A 945 12.39 15.42 15.76
CA ARG A 945 13.04 15.32 14.48
C ARG A 945 13.05 16.73 13.78
N TYR A 946 11.98 17.47 13.95
CA TYR A 946 11.94 18.76 13.30
C TYR A 946 12.97 19.72 13.95
N ARG A 947 13.09 19.63 15.27
CA ARG A 947 14.10 20.41 16.01
C ARG A 947 15.53 20.06 15.62
N GLU A 948 15.78 18.79 15.34
CA GLU A 948 17.15 18.42 15.12
C GLU A 948 17.51 18.37 13.64
N THR A 949 16.52 18.50 12.73
CA THR A 949 16.87 18.37 11.32
C THR A 949 16.68 19.62 10.52
N ILE A 950 15.90 20.58 11.04
CA ILE A 950 15.42 21.68 10.18
C ILE A 950 15.47 23.04 10.84
N ARG A 951 14.76 23.18 11.96
CA ARG A 951 14.71 24.38 12.74
C ARG A 951 14.64 24.05 14.22
N SER A 952 15.67 24.42 14.98
CA SER A 952 15.72 24.00 16.38
C SER A 952 15.07 24.98 17.38
N GLU A 953 14.87 26.23 16.93
CA GLU A 953 14.15 27.24 17.74
C GLU A 953 13.14 27.99 16.92
N ALA A 954 11.99 28.26 17.54
CA ALA A 954 10.93 28.95 16.83
C ALA A 954 9.94 29.27 17.90
N PRO A 955 9.06 30.27 17.70
CA PRO A 955 8.14 30.57 18.78
C PRO A 955 7.20 29.41 19.07
N TRP A 956 7.15 28.38 18.20
CA TRP A 956 6.18 27.26 18.41
C TRP A 956 6.91 26.03 18.88
N LEU A 957 8.16 26.24 19.22
CA LEU A 957 9.05 25.18 19.61
C LEU A 957 9.47 25.60 21.02
N PRO A 958 9.86 24.65 21.87
CA PRO A 958 10.10 23.22 21.64
C PRO A 958 8.84 22.34 21.68
N ASN A 959 7.76 22.83 22.29
CA ASN A 959 6.54 22.06 22.47
C ASN A 959 5.32 22.79 21.86
N ASN A 960 4.67 22.17 20.86
CA ASN A 960 3.59 22.81 20.10
C ASN A 960 2.36 23.14 20.98
N VAL A 961 2.05 22.27 21.93
CA VAL A 961 0.84 22.51 22.72
C VAL A 961 1.05 23.71 23.58
N ASP A 962 2.27 23.85 24.11
CA ASP A 962 2.62 25.03 24.90
C ASP A 962 2.54 26.38 24.14
N PHE A 963 3.05 26.42 22.93
CA PHE A 963 2.71 27.48 22.01
C PHE A 963 1.18 27.77 21.87
N ILE A 964 0.34 26.77 21.54
CA ILE A 964 -1.08 27.05 21.46
C ILE A 964 -1.49 27.70 22.78
N ALA A 965 -1.14 27.03 23.88
CA ALA A 965 -1.55 27.52 25.23
C ALA A 965 -1.09 28.94 25.47
N ASP A 966 0.17 29.20 25.20
CA ASP A 966 0.74 30.52 25.47
C ASP A 966 0.13 31.65 24.61
N VAL A 967 -0.03 31.42 23.30
CA VAL A 967 -0.47 32.49 22.41
C VAL A 967 -1.95 32.81 22.68
N ASN A 968 -2.64 31.83 23.21
CA ASN A 968 -4.02 32.04 23.59
C ASN A 968 -4.26 32.42 25.04
N ASP A 969 -3.19 32.49 25.85
CA ASP A 969 -3.31 32.72 27.27
C ASP A 969 -4.14 31.74 28.03
N ILE A 970 -3.94 30.45 27.80
CA ILE A 970 -4.65 29.44 28.59
C ILE A 970 -3.64 28.44 29.12
N ASP A 971 -4.08 27.47 29.91
CA ASP A 971 -3.21 26.38 30.39
C ASP A 971 -3.21 25.34 29.30
N ARG A 972 -2.09 24.62 29.21
CA ARG A 972 -1.96 23.50 28.28
C ARG A 972 -3.10 22.52 28.44
N ASN A 973 -3.61 22.35 29.65
CA ASN A 973 -4.68 21.40 29.87
C ASN A 973 -6.05 21.93 29.37
N ASP A 974 -6.13 23.25 29.23
CA ASP A 974 -7.23 23.82 28.52
C ASP A 974 -7.23 23.37 27.04
N VAL A 975 -6.06 23.31 26.41
CA VAL A 975 -5.94 22.78 25.05
C VAL A 975 -6.36 21.34 25.04
N LYS A 976 -5.83 20.59 25.98
CA LYS A 976 -6.19 19.19 26.00
C LYS A 976 -7.70 19.06 26.15
N ASN A 977 -8.32 19.88 26.99
CA ASN A 977 -9.75 19.81 27.22
C ASN A 977 -10.53 20.12 25.99
N MET A 978 -10.09 21.09 25.17
CA MET A 978 -10.88 21.39 24.01
C MET A 978 -10.79 20.28 23.00
N LEU A 979 -9.62 19.68 22.84
CA LEU A 979 -9.53 18.55 21.95
C LEU A 979 -10.51 17.44 22.28
N TYR A 980 -10.86 17.32 23.57
CA TYR A 980 -11.79 16.25 23.97
C TYR A 980 -13.22 16.76 24.19
N SER A 981 -13.48 18.02 23.88
CA SER A 981 -14.90 18.44 23.92
C SER A 981 -15.43 19.13 22.64
N ALA A 982 -14.54 19.46 21.72
CA ALA A 982 -14.89 20.17 20.51
C ALA A 982 -15.62 19.23 19.54
N LYS A 983 -16.43 19.83 18.68
CA LYS A 983 -17.10 19.08 17.63
C LYS A 983 -16.53 19.62 16.32
N PHE A 984 -15.66 18.81 15.71
CA PHE A 984 -14.89 19.21 14.56
C PHE A 984 -15.67 18.86 13.28
N MET A 985 -16.15 19.89 12.58
CA MET A 985 -16.78 19.69 11.28
C MET A 985 -15.73 19.64 10.15
N VAL A 986 -15.67 18.50 9.45
CA VAL A 986 -14.81 18.39 8.26
C VAL A 986 -15.24 19.40 7.18
N LEU A 987 -14.33 20.26 6.76
CA LEU A 987 -14.67 21.22 5.71
C LEU A 987 -14.21 20.83 4.29
N GLY A 988 -13.16 19.99 4.22
CA GLY A 988 -12.54 19.48 2.97
C GLY A 988 -11.63 18.26 3.25
N LEU A 989 -11.23 17.53 2.21
CA LEU A 989 -10.36 16.35 2.37
C LEU A 989 -9.00 16.53 1.73
N GLY A 990 -8.03 15.79 2.22
CA GLY A 990 -6.63 15.81 1.73
C GLY A 990 -5.80 16.92 2.30
N ASP A 991 -6.03 17.26 3.57
CA ASP A 991 -5.13 18.17 4.34
C ASP A 991 -4.38 17.38 5.43
N VAL A 992 -3.36 16.61 5.07
CA VAL A 992 -2.79 16.58 3.73
C VAL A 992 -2.66 15.08 3.45
N PHE A 993 -3.13 14.65 2.27
CA PHE A 993 -3.04 13.25 1.77
C PHE A 993 -4.11 12.36 2.26
N LEU A 994 -4.41 11.39 1.41
CA LEU A 994 -5.36 10.32 1.64
C LEU A 994 -6.54 10.69 2.55
N GLY A 995 -7.34 11.64 2.11
CA GLY A 995 -8.55 11.99 2.83
C GLY A 995 -8.39 12.60 4.23
N SER A 996 -7.17 13.02 4.52
CA SER A 996 -6.86 13.79 5.69
C SER A 996 -7.75 15.00 5.76
N PRO A 997 -8.49 15.18 6.87
CA PRO A 997 -9.49 16.26 6.94
C PRO A 997 -8.92 17.58 7.33
N CYS A 998 -9.59 18.66 6.90
CA CYS A 998 -9.47 19.96 7.52
C CYS A 998 -10.79 20.34 8.20
N ALA A 999 -10.79 20.41 9.52
CA ALA A 999 -12.01 20.50 10.28
C ALA A 999 -11.89 21.73 11.12
N VAL A 1000 -13.01 22.19 11.67
CA VAL A 1000 -13.09 23.42 12.45
C VAL A 1000 -14.06 23.25 13.61
N PRO A 1001 -13.68 23.74 14.79
CA PRO A 1001 -14.62 23.42 15.86
C PRO A 1001 -15.96 24.13 15.60
N LEU A 1002 -17.06 23.47 15.94
CA LEU A 1002 -18.41 24.02 15.73
C LEU A 1002 -18.68 25.07 16.78
N ASP A 1003 -17.98 24.96 17.90
CA ASP A 1003 -18.03 25.97 18.96
C ASP A 1003 -16.99 27.05 18.69
N PRO A 1004 -17.42 28.31 18.48
CA PRO A 1004 -16.45 29.37 18.18
C PRO A 1004 -15.45 29.64 19.29
N ARG A 1005 -15.82 29.32 20.53
CA ARG A 1005 -14.90 29.42 21.69
C ARG A 1005 -13.88 28.28 21.66
N HIS A 1006 -13.89 27.44 20.60
CA HIS A 1006 -12.91 26.38 20.57
C HIS A 1006 -11.87 26.69 19.55
N ARG A 1007 -11.90 27.92 19.08
CA ARG A 1007 -11.05 28.27 17.95
C ARG A 1007 -9.97 29.11 18.50
N TYR A 1008 -8.76 28.57 18.46
CA TYR A 1008 -7.57 29.12 19.07
C TYR A 1008 -6.66 29.72 18.01
N LEU A 1009 -5.98 30.81 18.38
CA LEU A 1009 -4.94 31.33 17.52
C LEU A 1009 -3.79 30.30 17.39
N GLY A 1010 -2.91 30.48 16.42
CA GLY A 1010 -1.87 29.49 16.20
C GLY A 1010 -1.07 29.88 14.99
N THR A 1011 -0.43 28.92 14.35
CA THR A 1011 0.29 29.19 13.14
C THR A 1011 0.70 27.83 12.58
N LYS A 1012 1.03 27.80 11.32
CA LYS A 1012 1.49 26.60 10.68
C LYS A 1012 3.00 26.73 10.67
N TYR A 1013 3.72 25.61 10.54
CA TYR A 1013 5.15 25.71 10.65
C TYR A 1013 5.80 26.60 9.58
N ASN A 1014 6.96 27.17 9.91
CA ASN A 1014 7.74 27.94 9.00
C ASN A 1014 9.21 27.55 9.10
N PRO A 1015 9.69 26.69 8.19
CA PRO A 1015 9.01 26.03 7.08
C PRO A 1015 8.35 24.75 7.60
N SER A 1016 7.63 24.06 6.74
CA SER A 1016 6.95 22.85 7.16
C SER A 1016 7.90 21.69 7.46
N ARG A 1017 7.43 20.71 8.23
CA ARG A 1017 8.16 19.45 8.50
C ARG A 1017 8.23 18.69 7.21
N THR A 1018 9.13 17.72 7.13
CA THR A 1018 9.15 16.80 6.02
C THR A 1018 8.55 15.45 6.39
N TYR A 1019 8.34 15.27 7.70
CA TYR A 1019 7.90 13.97 8.24
C TYR A 1019 6.83 14.13 9.36
N THR A 1020 5.79 13.30 9.31
CA THR A 1020 4.76 13.28 10.36
C THR A 1020 4.30 11.84 10.47
N ALA A 1021 3.85 11.47 11.66
CA ALA A 1021 3.57 10.05 11.93
C ALA A 1021 2.12 9.86 11.56
N ARG A 1022 1.78 8.64 11.12
CA ARG A 1022 0.38 8.27 10.79
C ARG A 1022 -0.56 8.43 11.98
N GLY A 1023 -1.67 9.13 11.78
CA GLY A 1023 -2.68 9.31 12.82
C GLY A 1023 -2.48 10.52 13.72
N VAL A 1024 -1.33 11.19 13.60
CA VAL A 1024 -1.09 12.43 14.35
C VAL A 1024 -2.21 13.46 14.15
N VAL A 1025 -2.68 14.09 15.22
CA VAL A 1025 -3.67 15.12 15.12
C VAL A 1025 -3.01 16.49 15.21
N GLY A 1026 -3.40 17.39 14.30
CA GLY A 1026 -2.84 18.70 14.30
C GLY A 1026 -3.78 19.86 14.46
N ILE A 1027 -3.19 21.02 14.79
CA ILE A 1027 -3.94 22.25 14.91
C ILE A 1027 -3.15 23.30 14.18
N GLY A 1028 -3.80 23.86 13.17
CA GLY A 1028 -3.17 24.86 12.28
C GLY A 1028 -4.04 26.07 12.29
N GLY A 1029 -3.54 27.12 12.95
CA GLY A 1029 -4.39 28.28 13.26
C GLY A 1029 -5.59 27.72 14.02
N MET A 1030 -6.80 27.96 13.55
CA MET A 1030 -7.96 27.36 14.25
C MET A 1030 -8.43 25.98 13.73
N TYR A 1031 -7.73 25.43 12.74
CA TYR A 1031 -8.20 24.23 12.08
C TYR A 1031 -7.55 23.01 12.66
N MET A 1032 -8.27 21.89 12.54
CA MET A 1032 -7.81 20.60 13.00
C MET A 1032 -7.61 19.66 11.84
N CYS A 1033 -6.54 18.86 11.87
CA CYS A 1033 -6.34 17.79 10.86
C CYS A 1033 -5.89 16.47 11.51
N ILE A 1034 -6.17 15.38 10.81
CA ILE A 1034 -5.64 14.06 11.15
C ILE A 1034 -4.76 13.67 9.97
N TYR A 1035 -3.48 13.40 10.23
CA TYR A 1035 -2.57 13.01 9.13
C TYR A 1035 -2.83 11.55 8.77
N ASN A 1036 -3.59 11.30 7.71
CA ASN A 1036 -3.97 9.91 7.36
C ASN A 1036 -2.84 9.03 6.85
N ALA A 1037 -1.71 9.63 6.45
CA ALA A 1037 -0.59 8.86 5.89
C ALA A 1037 0.70 8.89 6.72
N GLU A 1038 1.42 7.77 6.75
CA GLU A 1038 2.68 7.64 7.45
C GLU A 1038 3.80 8.35 6.65
N GLY A 1039 4.55 9.24 7.30
CA GLY A 1039 5.67 9.88 6.62
C GLY A 1039 5.25 11.06 5.74
N SER A 1040 4.28 11.85 6.16
CA SER A 1040 3.91 12.99 5.34
C SER A 1040 4.41 14.32 5.85
N PRO A 1041 4.81 15.20 4.94
CA PRO A 1041 5.20 16.57 5.28
C PRO A 1041 3.99 17.14 5.98
N GLY A 1042 4.14 18.14 6.82
CA GLY A 1042 3.03 18.59 7.60
C GLY A 1042 3.48 19.89 8.22
N GLY A 1043 2.53 20.75 8.54
CA GLY A 1043 2.85 22.08 8.97
C GLY A 1043 2.02 22.44 10.17
N TYR A 1044 1.01 21.64 10.50
CA TYR A 1044 0.17 21.94 11.69
C TYR A 1044 0.90 21.68 13.05
N GLN A 1045 0.49 22.38 14.10
CA GLN A 1045 0.93 22.16 15.49
C GLN A 1045 0.44 20.82 15.99
N LEU A 1046 1.35 20.01 16.48
CA LEU A 1046 1.07 18.62 16.83
C LEU A 1046 0.66 18.45 18.29
N VAL A 1047 -0.38 17.66 18.51
CA VAL A 1047 -1.15 17.72 19.73
C VAL A 1047 -1.40 16.28 20.25
N GLY A 1048 -1.38 15.28 19.39
CA GLY A 1048 -1.67 13.93 19.85
C GLY A 1048 -1.95 13.01 18.69
N ARG A 1049 -2.43 11.80 18.97
CA ARG A 1049 -2.59 10.86 17.87
C ARG A 1049 -3.84 9.99 17.99
N THR A 1050 -4.56 9.84 16.87
CA THR A 1050 -5.66 8.89 16.68
C THR A 1050 -5.24 7.79 15.71
N ILE A 1051 -6.27 7.19 15.10
CA ILE A 1051 -6.14 6.23 14.02
C ILE A 1051 -6.37 6.95 12.69
N THR A 1052 -5.69 6.48 11.64
CA THR A 1052 -5.86 7.01 10.30
C THR A 1052 -7.28 6.93 9.85
N ALA A 1053 -7.74 7.99 9.23
CA ALA A 1053 -9.05 7.97 8.66
C ALA A 1053 -8.91 7.62 7.15
N TRP A 1054 -7.92 6.79 6.81
CA TRP A 1054 -7.82 6.20 5.48
C TRP A 1054 -7.65 4.71 5.56
N ASP A 1055 -8.51 3.95 4.93
CA ASP A 1055 -8.54 2.50 5.07
C ASP A 1055 -8.20 1.98 3.66
N LYS A 1056 -6.90 1.93 3.36
CA LYS A 1056 -6.44 1.59 1.99
C LYS A 1056 -7.20 0.43 1.32
N LEU A 1057 -7.41 -0.63 2.06
CA LEU A 1057 -8.05 -1.80 1.51
C LEU A 1057 -9.54 -1.87 1.90
N VAL A 1058 -10.07 -0.80 2.52
CA VAL A 1058 -11.50 -0.80 2.87
C VAL A 1058 -11.87 -2.08 3.65
N ILE A 1059 -11.03 -2.48 4.60
CA ILE A 1059 -11.31 -3.64 5.40
C ILE A 1059 -11.77 -3.25 6.82
N GLY A 1060 -11.84 -1.95 7.09
CA GLY A 1060 -12.04 -1.50 8.48
C GLY A 1060 -13.43 -1.97 8.89
N ASP A 1061 -13.78 -1.84 10.17
CA ASP A 1061 -15.07 -2.24 10.62
C ASP A 1061 -15.90 -0.98 10.73
N HIS A 1062 -16.49 -0.60 9.60
CA HIS A 1062 -17.27 0.66 9.50
C HIS A 1062 -18.20 0.54 8.30
N PRO A 1063 -19.15 1.44 8.17
CA PRO A 1063 -19.95 1.25 6.94
C PRO A 1063 -19.51 2.13 5.75
N ILE A 1064 -18.23 2.45 5.60
CA ILE A 1064 -17.81 3.33 4.44
C ILE A 1064 -17.31 2.48 3.32
N ASP A 1065 -17.74 2.81 2.11
CA ASP A 1065 -17.51 2.00 0.92
C ASP A 1065 -16.24 2.33 0.13
N HIS A 1066 -15.61 3.47 0.42
CA HIS A 1066 -14.29 3.75 -0.14
C HIS A 1066 -13.20 3.99 0.94
N PRO A 1067 -11.92 4.05 0.54
CA PRO A 1067 -10.82 4.26 1.52
C PRO A 1067 -10.90 5.53 2.37
N TRP A 1068 -11.38 6.65 1.83
CA TRP A 1068 -11.47 7.84 2.67
C TRP A 1068 -12.72 7.79 3.54
N LEU A 1069 -12.53 7.75 4.86
CA LEU A 1069 -13.63 7.50 5.76
C LEU A 1069 -14.50 8.76 5.93
N LEU A 1070 -13.92 9.95 5.75
CA LEU A 1070 -14.67 11.18 6.00
C LEU A 1070 -15.23 11.88 4.78
N THR A 1071 -16.24 12.72 4.99
CA THR A 1071 -16.79 13.53 3.92
C THR A 1071 -16.99 14.91 4.50
N PRO A 1072 -16.87 15.96 3.65
CA PRO A 1072 -17.19 17.31 4.15
C PRO A 1072 -18.55 17.36 4.80
N PHE A 1073 -18.63 18.13 5.89
CA PHE A 1073 -19.84 18.23 6.76
C PHE A 1073 -19.98 17.14 7.83
N ASP A 1074 -19.22 16.05 7.73
CA ASP A 1074 -19.04 15.14 8.85
C ASP A 1074 -18.44 15.80 10.09
N GLN A 1075 -18.60 15.10 11.20
CA GLN A 1075 -18.10 15.56 12.48
C GLN A 1075 -17.19 14.53 13.13
N VAL A 1076 -16.06 15.04 13.63
CA VAL A 1076 -15.12 14.21 14.34
C VAL A 1076 -15.11 14.70 15.73
N GLU A 1077 -15.30 13.77 16.66
CA GLU A 1077 -15.11 14.05 18.14
C GLU A 1077 -13.99 13.20 18.72
N PHE A 1078 -13.17 13.77 19.58
CA PHE A 1078 -12.14 12.94 20.20
C PHE A 1078 -12.49 12.42 21.63
N TYR A 1079 -12.08 11.19 21.94
CA TYR A 1079 -12.14 10.69 23.32
C TYR A 1079 -10.77 10.20 23.79
N PRO A 1080 -10.46 10.42 25.07
CA PRO A 1080 -9.11 10.09 25.68
C PRO A 1080 -8.79 8.61 25.79
N VAL A 1081 -7.67 8.18 25.21
CA VAL A 1081 -7.01 6.93 25.52
C VAL A 1081 -5.51 7.17 25.78
N THR A 1082 -4.95 6.17 26.45
CA THR A 1082 -3.55 6.09 26.77
C THR A 1082 -2.76 5.75 25.51
N GLU A 1083 -1.48 6.11 25.44
CA GLU A 1083 -0.65 5.66 24.32
C GLU A 1083 -0.73 4.15 24.06
N GLU A 1084 -0.53 3.33 25.09
CA GLU A 1084 -0.56 1.88 24.93
C GLU A 1084 -2.00 1.38 24.53
N GLU A 1085 -3.04 1.98 25.05
CA GLU A 1085 -4.38 1.62 24.64
C GLU A 1085 -4.61 1.95 23.16
N LEU A 1086 -3.95 3.00 22.68
CA LEU A 1086 -4.01 3.45 21.30
C LEU A 1086 -3.24 2.54 20.39
N GLU A 1087 -2.13 2.00 20.83
CA GLU A 1087 -1.45 1.06 19.99
C GLU A 1087 -2.27 -0.26 19.85
N VAL A 1088 -3.12 -0.58 20.84
CA VAL A 1088 -3.89 -1.79 20.75
C VAL A 1088 -4.93 -1.56 19.61
N ILE A 1089 -5.67 -0.48 19.76
CA ILE A 1089 -6.63 -0.05 18.82
C ILE A 1089 -6.06 0.07 17.39
N ILE A 1090 -4.86 0.62 17.26
CA ILE A 1090 -4.25 0.82 15.94
C ILE A 1090 -4.06 -0.53 15.22
N GLU A 1091 -3.42 -1.49 15.90
CA GLU A 1091 -3.26 -2.85 15.37
C GLU A 1091 -4.60 -3.49 15.07
N ASP A 1092 -5.52 -3.40 16.00
CA ASP A 1092 -6.83 -3.97 15.77
C ASP A 1092 -7.52 -3.39 14.51
N ASN A 1093 -7.41 -2.07 14.32
CA ASN A 1093 -8.09 -1.39 13.25
C ASN A 1093 -7.44 -1.69 11.89
N ASP A 1094 -6.12 -1.93 11.88
CA ASP A 1094 -5.40 -2.28 10.66
C ASP A 1094 -5.80 -3.64 10.18
N ASN A 1095 -6.42 -4.44 11.05
CA ASN A 1095 -6.84 -5.81 10.71
C ASN A 1095 -8.34 -5.93 10.72
N GLY A 1096 -9.01 -4.77 10.74
CA GLY A 1096 -10.44 -4.71 10.71
C GLY A 1096 -11.21 -5.25 11.91
N LYS A 1097 -10.52 -5.38 13.04
CA LYS A 1097 -11.12 -5.83 14.30
C LYS A 1097 -11.42 -4.69 15.28
N PHE A 1098 -11.43 -3.44 14.82
CA PHE A 1098 -11.81 -2.33 15.67
C PHE A 1098 -13.05 -1.62 15.13
N LYS A 1099 -14.03 -1.45 16.00
CA LYS A 1099 -15.35 -0.98 15.63
C LYS A 1099 -15.42 0.54 15.76
N ILE A 1100 -15.18 1.19 14.65
CA ILE A 1100 -15.30 2.63 14.60
C ILE A 1100 -16.68 3.12 14.97
N ASP A 1101 -16.74 4.11 15.85
CA ASP A 1101 -17.99 4.58 16.34
C ASP A 1101 -18.45 5.64 15.37
N VAL A 1102 -19.34 5.24 14.48
CA VAL A 1102 -19.93 6.14 13.50
C VAL A 1102 -21.43 6.07 13.51
N GLU A 1103 -22.06 7.23 13.53
CA GLU A 1103 -23.51 7.35 13.40
C GLU A 1103 -23.91 8.26 12.25
N GLU A 1104 -24.79 7.77 11.38
CA GLU A 1104 -25.38 8.66 10.37
C GLU A 1104 -26.30 9.66 11.03
N SER A 1105 -26.09 10.95 10.81
CA SER A 1105 -27.15 11.86 11.13
C SER A 1105 -27.24 13.06 10.18
N ILE A 1106 -27.79 14.19 10.66
CA ILE A 1106 -28.13 15.35 9.85
C ILE A 1106 -27.65 16.62 10.60
N PHE A 1107 -26.81 17.45 9.99
CA PHE A 1107 -26.50 18.75 10.57
C PHE A 1107 -27.45 19.84 10.07
N ASP A 1108 -28.05 20.55 11.01
CA ASP A 1108 -29.12 21.46 10.67
C ASP A 1108 -28.71 22.87 10.92
N HIS A 1109 -28.59 23.69 9.91
CA HIS A 1109 -28.02 25.00 10.21
C HIS A 1109 -28.97 25.84 11.06
N LYS A 1110 -30.28 25.55 10.94
CA LYS A 1110 -31.31 26.27 11.67
C LYS A 1110 -31.10 25.95 13.15
N GLU A 1111 -30.85 24.70 13.48
CA GLU A 1111 -30.67 24.33 14.87
C GLU A 1111 -29.40 24.92 15.44
N TYR A 1112 -28.32 24.78 14.66
CA TYR A 1112 -27.03 25.38 14.97
C TYR A 1112 -27.11 26.86 15.20
N LEU A 1113 -27.77 27.62 14.34
CA LEU A 1113 -27.89 29.09 14.52
C LEU A 1113 -28.63 29.43 15.79
N ALA A 1114 -29.48 28.51 16.27
CA ALA A 1114 -30.24 28.69 17.49
C ALA A 1114 -29.33 28.40 18.69
N TRP A 1115 -28.43 27.45 18.52
CA TRP A 1115 -27.42 27.20 19.53
C TRP A 1115 -26.49 28.39 19.67
N ILE A 1116 -26.14 29.06 18.57
CA ILE A 1116 -25.30 30.24 18.68
C ILE A 1116 -26.01 31.25 19.53
N ASN A 1117 -27.32 31.43 19.32
CA ASN A 1117 -28.09 32.37 20.15
C ASN A 1117 -28.04 32.11 21.66
N GLU A 1118 -28.50 30.96 22.13
CA GLU A 1118 -28.45 30.62 23.55
C GLU A 1118 -27.01 30.66 24.15
N ASN A 1119 -26.04 31.30 23.49
CA ASN A 1119 -24.62 31.28 23.89
C ASN A 1119 -23.92 32.44 23.27
N ILE A 1120 -24.66 33.24 22.52
CA ILE A 1120 -24.08 34.40 21.83
C ILE A 1120 -23.18 35.23 22.76
N ASP A 1121 -23.57 35.32 24.02
CA ASP A 1121 -22.93 36.20 25.00
C ASP A 1121 -21.52 35.76 25.31
N SER A 1122 -21.43 34.50 25.74
CA SER A 1122 -20.20 33.78 25.94
C SER A 1122 -19.30 33.78 24.69
N ILE A 1123 -19.91 33.53 23.52
CA ILE A 1123 -19.18 33.56 22.23
C ILE A 1123 -18.52 34.92 22.02
N VAL A 1124 -19.28 36.01 22.21
CA VAL A 1124 -18.77 37.35 21.92
C VAL A 1124 -17.68 37.80 22.88
N ALA A 1125 -17.94 37.65 24.16
CA ALA A 1125 -16.91 37.76 25.21
C ALA A 1125 -15.63 37.01 24.81
N PHE A 1126 -15.77 35.73 24.42
CA PHE A 1126 -14.61 34.96 23.97
C PHE A 1126 -13.87 35.63 22.80
N GLN A 1127 -14.61 36.09 21.80
CA GLN A 1127 -14.04 36.68 20.58
C GLN A 1127 -13.37 38.02 20.77
N GLU A 1128 -13.98 38.87 21.57
CA GLU A 1128 -13.50 40.24 21.72
C GLU A 1128 -12.14 40.17 22.44
N ALA A 1129 -11.99 39.18 23.32
CA ALA A 1129 -10.80 39.02 24.14
C ALA A 1129 -9.73 38.08 23.57
N GLN A 1130 -9.58 37.99 22.25
CA GLN A 1130 -8.72 36.92 21.75
C GLN A 1130 -7.29 37.32 21.41
N GLY A 1131 -7.10 38.35 20.60
CA GLY A 1131 -5.73 38.73 20.22
C GLY A 1131 -5.22 39.79 21.16
N GLY A 1132 -4.33 40.66 20.66
CA GLY A 1132 -3.74 41.72 21.49
C GLY A 1132 -2.28 41.91 21.19
N GLU A 1133 -1.56 42.60 22.08
CA GLU A 1133 -0.13 42.84 21.87
C GLU A 1133 0.69 41.55 21.93
N LYS A 1134 0.24 40.59 22.76
CA LYS A 1134 0.97 39.34 22.94
C LYS A 1134 0.97 38.45 21.68
N ALA A 1135 -0.21 38.28 21.10
CA ALA A 1135 -0.35 37.61 19.82
C ALA A 1135 0.45 38.29 18.69
N ASP A 1136 0.51 39.62 18.70
CA ASP A 1136 1.27 40.36 17.70
C ASP A 1136 2.79 40.18 17.84
N GLU A 1137 3.31 40.09 19.07
CA GLU A 1137 4.75 39.80 19.22
C GLU A 1137 5.02 38.42 18.64
N PHE A 1138 4.12 37.48 18.96
CA PHE A 1138 4.21 36.15 18.36
C PHE A 1138 4.19 36.21 16.84
N ALA A 1139 3.23 36.95 16.26
CA ALA A 1139 3.16 37.06 14.79
C ALA A 1139 4.44 37.67 14.24
N ARG A 1140 5.02 38.60 15.00
CA ARG A 1140 6.29 39.19 14.57
C ARG A 1140 7.42 38.13 14.61
N LEU A 1141 7.58 37.52 15.78
CA LEU A 1141 8.56 36.45 15.93
C LEU A 1141 8.38 35.29 14.89
N ILE A 1142 7.13 34.85 14.66
CA ILE A 1142 6.81 33.69 13.78
C ILE A 1142 7.32 33.89 12.34
N GLN A 1143 7.30 35.16 11.94
CA GLN A 1143 7.68 35.63 10.60
C GLN A 1143 9.18 35.69 10.29
N VAL A 1144 10.07 35.41 11.25
CA VAL A 1144 11.51 35.50 11.02
C VAL A 1144 11.87 34.27 10.18
N ALA A 1145 12.34 34.47 8.95
CA ALA A 1145 12.79 33.35 8.09
C ALA A 1145 13.83 32.51 8.83
N ASN A 1146 13.81 31.19 8.61
CA ASN A 1146 14.81 30.30 9.20
C ASN A 1146 16.22 30.67 8.67
N ALA A 1147 17.26 30.37 9.44
CA ALA A 1147 18.66 30.63 9.07
C ALA A 1147 19.05 29.93 7.78
N GLU A 1148 19.93 30.56 7.00
CA GLU A 1148 20.44 29.96 5.78
C GLU A 1148 21.22 28.74 6.18
N LEU A 1149 21.07 27.64 5.44
CA LEU A 1149 21.89 26.44 5.65
C LEU A 1149 23.38 26.83 5.69
N LYS A 1150 24.20 26.03 6.37
CA LYS A 1150 25.68 26.20 6.39
C LYS A 1150 26.35 26.01 4.99
N LYS A 1151 27.38 26.80 4.70
CA LYS A 1151 28.24 26.58 3.52
C LYS A 1151 29.19 25.43 3.88
N SER A 1152 29.44 24.52 2.94
CA SER A 1152 30.28 23.33 3.21
C SER A 1152 31.73 23.61 3.70
N GLU A 1161 44.10 17.05 5.82
CA GLU A 1161 44.52 16.16 6.89
C GLU A 1161 44.75 14.70 6.44
N GLU A 1162 45.70 14.03 7.10
CA GLU A 1162 46.16 12.66 6.72
C GLU A 1162 45.51 11.52 7.53
N TYR A 1163 45.15 10.41 6.85
CA TYR A 1163 44.54 9.21 7.48
C TYR A 1163 45.33 7.89 7.20
N PRO A 1164 45.36 6.94 8.18
CA PRO A 1164 45.97 5.61 8.02
C PRO A 1164 45.82 4.96 6.66
N ASP A 1165 46.77 4.11 6.33
CA ASP A 1165 47.07 3.72 4.95
C ASP A 1165 46.08 2.78 4.24
N ASP A 1166 45.40 1.90 4.98
CA ASP A 1166 44.31 1.11 4.35
C ASP A 1166 42.98 1.12 5.15
N ALA A 1167 42.58 2.34 5.53
CA ALA A 1167 41.25 2.62 6.08
C ALA A 1167 40.10 2.25 5.08
N GLU A 1168 38.88 2.12 5.59
CA GLU A 1168 37.71 2.32 4.73
C GLU A 1168 37.41 3.79 4.86
N LEU A 1169 37.45 4.50 3.73
CA LEU A 1169 36.96 5.85 3.71
C LEU A 1169 35.47 5.76 3.42
N LEU A 1170 34.66 6.52 4.18
CA LEU A 1170 33.19 6.48 3.98
C LEU A 1170 32.61 7.79 3.48
N TYR A 1171 31.87 7.67 2.39
CA TYR A 1171 31.38 8.82 1.64
C TYR A 1171 29.85 8.74 1.60
N SER A 1172 29.16 9.88 1.68
CA SER A 1172 27.69 9.86 1.46
C SER A 1172 27.32 9.90 -0.01
N GLU A 1173 26.42 9.02 -0.41
CA GLU A 1173 25.91 9.05 -1.75
C GLU A 1173 25.18 10.33 -2.11
N TYR A 1174 24.54 10.97 -1.13
CA TYR A 1174 23.64 12.06 -1.37
C TYR A 1174 24.02 13.39 -0.70
N THR A 1175 23.46 14.48 -1.21
CA THR A 1175 23.58 15.75 -0.53
C THR A 1175 22.46 15.84 0.53
N GLY A 1176 22.82 16.25 1.75
CA GLY A 1176 21.90 16.34 2.84
C GLY A 1176 22.54 17.08 3.98
N ARG A 1177 21.77 17.32 5.03
CA ARG A 1177 22.22 18.01 6.23
C ARG A 1177 22.42 16.97 7.31
N PHE A 1178 23.55 17.06 8.04
CA PHE A 1178 23.93 16.03 9.02
C PHE A 1178 23.01 16.07 10.19
N TRP A 1179 22.43 14.91 10.45
CA TRP A 1179 21.41 14.80 11.47
C TRP A 1179 22.05 14.46 12.82
N LYS A 1180 22.66 13.27 12.90
CA LYS A 1180 23.18 12.72 14.16
C LYS A 1180 24.07 11.48 13.87
N PRO A 1181 25.03 11.18 14.76
CA PRO A 1181 25.83 9.98 14.46
C PRO A 1181 25.13 8.72 14.97
N VAL A 1182 25.47 7.57 14.42
CA VAL A 1182 24.97 6.30 14.98
C VAL A 1182 25.99 5.70 15.98
N ALA A 1183 27.22 5.49 15.51
CA ALA A 1183 28.26 4.91 16.31
C ALA A 1183 29.13 6.00 16.95
N ALA A 1184 29.83 5.63 18.04
CA ALA A 1184 30.79 6.56 18.68
C ALA A 1184 32.20 6.29 18.15
N VAL A 1185 33.10 7.27 18.15
CA VAL A 1185 34.48 6.94 17.72
C VAL A 1185 35.06 5.83 18.61
N GLY A 1186 35.68 4.85 17.94
CA GLY A 1186 36.25 3.68 18.61
C GLY A 1186 35.31 2.50 18.77
N ASP A 1187 34.13 2.57 18.15
CA ASP A 1187 33.20 1.46 18.26
C ASP A 1187 33.60 0.45 17.24
N HIS A 1188 33.36 -0.82 17.53
CA HIS A 1188 33.52 -1.83 16.50
C HIS A 1188 32.24 -1.84 15.67
N VAL A 1189 32.40 -1.86 14.36
CA VAL A 1189 31.26 -2.01 13.48
C VAL A 1189 31.43 -3.22 12.57
N GLU A 1190 30.33 -3.88 12.26
CA GLU A 1190 30.35 -4.93 11.25
C GLU A 1190 30.15 -4.33 9.85
N ALA A 1191 30.24 -5.18 8.83
CA ALA A 1191 29.77 -4.79 7.49
C ALA A 1191 28.25 -4.54 7.58
N GLY A 1192 27.82 -3.35 7.18
CA GLY A 1192 26.38 -3.07 7.10
C GLY A 1192 25.96 -2.09 8.18
N ASP A 1193 26.43 -2.33 9.40
CA ASP A 1193 26.19 -1.45 10.54
C ASP A 1193 26.28 0.05 10.24
N GLY A 1194 25.33 0.80 10.81
CA GLY A 1194 25.24 2.21 10.52
C GLY A 1194 26.32 2.99 11.21
N VAL A 1195 26.77 4.10 10.63
CA VAL A 1195 27.81 4.95 11.26
C VAL A 1195 27.31 6.35 11.52
N ILE A 1196 26.80 7.00 10.47
CA ILE A 1196 26.13 8.30 10.61
C ILE A 1196 24.78 8.43 9.86
N ILE A 1197 23.97 9.41 10.28
CA ILE A 1197 22.69 9.69 9.64
C ILE A 1197 22.61 11.11 9.05
N ILE A 1198 22.08 11.17 7.84
CA ILE A 1198 21.93 12.42 7.08
C ILE A 1198 20.44 12.56 6.90
N GLU A 1199 19.93 13.77 6.77
CA GLU A 1199 18.64 13.87 6.06
C GLU A 1199 18.92 14.27 4.63
N ALA A 1200 18.52 13.41 3.71
CA ALA A 1200 18.59 13.69 2.28
C ALA A 1200 17.22 13.40 1.67
N MET A 1201 16.67 14.35 0.91
CA MET A 1201 15.43 14.08 0.17
C MET A 1201 14.33 13.61 1.10
N LYS A 1202 14.19 14.31 2.24
CA LYS A 1202 13.17 14.05 3.25
C LYS A 1202 13.23 12.65 3.86
N THR A 1203 14.37 11.99 3.72
CA THR A 1203 14.53 10.64 4.23
C THR A 1203 15.66 10.60 5.22
N GLU A 1204 15.51 9.77 6.23
CA GLU A 1204 16.55 9.51 7.21
C GLU A 1204 17.57 8.59 6.54
N MET A 1205 18.71 9.14 6.11
CA MET A 1205 19.74 8.38 5.37
C MET A 1205 20.92 7.92 6.26
N VAL A 1206 20.98 6.61 6.40
CA VAL A 1206 22.06 6.00 7.12
C VAL A 1206 23.21 5.79 6.13
N VAL A 1207 24.36 6.39 6.42
CA VAL A 1207 25.58 5.96 5.71
C VAL A 1207 26.27 4.91 6.58
N GLY A 1208 26.53 3.74 6.03
CA GLY A 1208 27.06 2.64 6.81
C GLY A 1208 28.41 2.05 6.40
N ALA A 1209 29.01 1.37 7.35
CA ALA A 1209 30.26 0.64 7.17
C ALA A 1209 30.20 -0.44 6.08
N THR A 1210 31.19 -0.33 5.16
CA THR A 1210 31.43 -1.29 4.05
C THR A 1210 31.88 -2.64 4.58
N LYS A 1211 33.05 -2.64 5.23
CA LYS A 1211 33.57 -3.82 5.96
C LYS A 1211 33.74 -3.51 7.45
N SER A 1212 33.77 -4.57 8.28
CA SER A 1212 34.01 -4.49 9.74
C SER A 1212 35.30 -3.75 10.16
N GLY A 1213 35.36 -3.27 11.42
CA GLY A 1213 36.44 -2.38 11.90
C GLY A 1213 36.06 -1.49 13.09
N LYS A 1214 36.90 -0.51 13.41
CA LYS A 1214 36.69 0.41 14.52
C LYS A 1214 36.52 1.78 13.96
N VAL A 1215 35.54 2.53 14.47
CA VAL A 1215 35.32 3.90 14.01
C VAL A 1215 36.46 4.80 14.44
N TYR A 1216 37.26 5.21 13.48
CA TYR A 1216 38.40 6.08 13.80
C TYR A 1216 38.04 7.55 13.91
N LYS A 1217 37.33 8.05 12.91
CA LYS A 1217 36.85 9.43 12.92
C LYS A 1217 35.48 9.59 12.24
N ILE A 1218 34.69 10.52 12.79
CA ILE A 1218 33.41 10.93 12.26
C ILE A 1218 33.49 12.42 11.94
N LEU A 1219 33.38 12.75 10.65
CA LEU A 1219 33.62 14.14 10.19
C LEU A 1219 32.63 15.25 10.66
N HIS A 1220 31.32 14.99 10.69
CA HIS A 1220 30.42 16.15 10.90
C HIS A 1220 29.69 16.22 12.26
N LYS A 1221 29.22 17.41 12.57
CA LYS A 1221 28.29 17.57 13.67
C LYS A 1221 26.87 17.94 13.17
N ASN A 1222 25.88 17.81 14.03
CA ASN A 1222 24.51 18.14 13.68
C ASN A 1222 24.51 19.52 13.08
N GLY A 1223 23.79 19.66 11.95
CA GLY A 1223 23.70 20.90 11.22
C GLY A 1223 24.66 21.12 10.06
N ASP A 1224 25.66 20.27 9.88
CA ASP A 1224 26.59 20.43 8.77
C ASP A 1224 25.98 20.02 7.45
N MET A 1225 26.28 20.78 6.42
CA MET A 1225 25.94 20.31 5.09
C MET A 1225 26.93 19.31 4.58
N VAL A 1226 26.39 18.27 3.95
CA VAL A 1226 27.19 17.24 3.36
C VAL A 1226 26.83 17.10 1.86
N GLU A 1227 27.79 17.46 0.97
CA GLU A 1227 27.67 17.24 -0.49
C GLU A 1227 27.75 15.78 -0.73
N ALA A 1228 27.06 15.32 -1.76
CA ALA A 1228 27.24 13.98 -2.26
C ALA A 1228 28.73 13.77 -2.55
N GLY A 1229 29.22 12.57 -2.27
CA GLY A 1229 30.64 12.24 -2.46
C GLY A 1229 31.63 12.78 -1.40
N ASP A 1230 31.15 13.58 -0.44
CA ASP A 1230 31.96 14.02 0.68
C ASP A 1230 32.33 12.90 1.62
N LEU A 1231 33.53 12.99 2.18
CA LEU A 1231 33.97 12.05 3.20
C LEU A 1231 33.22 12.37 4.49
N VAL A 1232 32.67 11.32 5.09
CA VAL A 1232 31.80 11.50 6.27
C VAL A 1232 32.29 10.74 7.55
N ALA A 1233 32.93 9.59 7.34
CA ALA A 1233 33.60 8.87 8.41
C ALA A 1233 34.79 8.05 7.87
N VAL A 1234 35.66 7.66 8.80
CA VAL A 1234 36.75 6.70 8.53
C VAL A 1234 36.66 5.55 9.51
N ILE A 1235 36.69 4.32 8.99
CA ILE A 1235 36.78 3.13 9.84
C ILE A 1235 38.15 2.42 9.66
N VAL A 1236 38.87 2.24 10.79
CA VAL A 1236 40.29 1.78 10.83
C VAL A 1236 40.47 0.27 11.10
#